data_6BXA
#
_entry.id   6BXA
#
_cell.length_a   98.694
_cell.length_b   112.102
_cell.length_c   148.356
_cell.angle_alpha   90.00
_cell.angle_beta   90.00
_cell.angle_gamma   90.00
#
_symmetry.space_group_name_H-M   'P 21 21 2'
#
loop_
_entity.id
_entity.type
_entity.pdbx_description
1 polymer 'Toll-like receptor 5b, Variable lymphocyte receptor B chimera'
2 polymer 'Variable Lymphocyte Receptor 2'
3 branched 2-acetamido-2-deoxy-beta-D-glucopyranose-(1-4)-2-acetamido-2-deoxy-beta-D-glucopyranose
4 non-polymer 2-acetamido-2-deoxy-beta-D-glucopyranose
5 non-polymer 1,2-ETHANEDIOL
6 water water
#
loop_
_entity_poly.entity_id
_entity_poly.type
_entity_poly.pdbx_seq_one_letter_code
_entity_poly.pdbx_strand_id
1 'polypeptide(L)'
;ADPGTSECSVIGYNAICINRGLHQVPELPAHVNYVDLSLNSIAELNETSFSRLQDLQFLKVEQQTPGLVIRNNTFRGLSS
LIILKLDYNQFLQLETGAFNGLANLEVLTLTQCNLDGAVLSGNFFKPLTSLEMLVLRDNNIKKIQPASFFLNMRRFHVLD
LTFNKVKSICEEDLLNFQGKHFTLLRLSSITLQDMNEYWLGWEKCGNPFKNTSITTLDLSGNGFKESMAKRFFDAIAGTK
IQSLILSNSYNMGSSFGHTNFKDPDNFTFKGLEASGVKTCDLSKSKIFALLKSVFSHFTDLEQLTLAQNEINKIDDNAFW
GLTHLLKLNLSQNFLGSIDSRMFENLDKLEVLDLSYNHIRALGDQSFLGLPNLKELALDTNQLKSVPDGIFDRLTSLQKI
WLHTNPWDCSCPRIDYLSRWLNKNSQKEQGSAKCSGSGKPVRSIICPTSASLVPR
;
A,B
2 'polypeptide(L)'
;GGHHHHHHGSENLYFQGACPSQCSCSGTTVDCSGKSLASVPTGIPTTTQVLGLSSNQITKLEPGVFDSLVNLQILVLYQN
QLTTLPAGVFDRLINLKELYFSNNQLTSLPAGVFDKLTQLTRLELQTNQLKSIPRGAFDNLKSLTNIYLFNNPWDCECSD
ILYLKNWIVQHASIVNPDGHGGVDNVKCSGTNTPVRAVTEASTSPSKCP
;
C,D
#
# COMPACT_ATOMS: atom_id res chain seq x y z
N GLU A 7 -37.95 15.36 -8.35
CA GLU A 7 -37.62 14.10 -7.69
C GLU A 7 -36.96 14.30 -6.33
N CYS A 8 -36.45 15.50 -6.07
CA CYS A 8 -35.89 15.81 -4.75
C CYS A 8 -37.00 15.86 -3.71
N SER A 9 -36.66 15.54 -2.47
CA SER A 9 -37.56 15.68 -1.35
C SER A 9 -37.36 17.04 -0.69
N VAL A 10 -38.37 17.90 -0.78
CA VAL A 10 -38.30 19.23 -0.19
C VAL A 10 -39.07 19.30 1.12
N ILE A 11 -38.37 19.65 2.20
CA ILE A 11 -38.99 19.78 3.51
C ILE A 11 -38.59 21.11 4.13
N GLY A 12 -39.49 22.07 4.10
CA GLY A 12 -39.19 23.40 4.55
C GLY A 12 -38.10 24.02 3.69
N TYR A 13 -37.01 24.44 4.34
CA TYR A 13 -35.89 25.05 3.64
C TYR A 13 -34.85 24.00 3.24
N ASN A 14 -35.15 22.74 3.49
CA ASN A 14 -34.24 21.63 3.18
C ASN A 14 -34.61 20.92 1.89
N ALA A 15 -33.62 20.71 1.02
CA ALA A 15 -33.85 19.93 -0.19
C ALA A 15 -32.93 18.73 -0.20
N ILE A 16 -33.52 17.55 -0.16
CA ILE A 16 -32.74 16.32 -0.16
C ILE A 16 -32.78 15.66 -1.53
N CYS A 17 -31.62 15.63 -2.18
CA CYS A 17 -31.53 15.09 -3.53
C CYS A 17 -30.53 13.96 -3.62
N ILE A 18 -30.37 13.25 -2.51
CA ILE A 18 -29.43 12.13 -2.43
C ILE A 18 -29.83 11.00 -3.38
N ASN A 19 -28.88 10.56 -4.21
CA ASN A 19 -29.08 9.39 -5.03
C ASN A 19 -30.35 9.46 -5.87
N ARG A 20 -30.39 10.44 -6.76
CA ARG A 20 -31.55 10.65 -7.61
C ARG A 20 -31.18 10.44 -9.07
N GLY A 21 -29.94 10.02 -9.32
CA GLY A 21 -29.47 9.80 -10.68
C GLY A 21 -29.36 11.09 -11.47
N LEU A 22 -29.14 12.19 -10.77
CA LEU A 22 -29.11 13.52 -11.38
C LEU A 22 -27.79 13.76 -12.13
N HIS A 23 -27.89 14.44 -13.27
CA HIS A 23 -26.73 14.77 -14.08
C HIS A 23 -26.48 16.26 -14.08
N GLN A 24 -27.38 16.99 -13.42
CA GLN A 24 -27.25 18.43 -13.26
C GLN A 24 -28.08 18.88 -12.07
N VAL A 25 -27.83 20.08 -11.58
CA VAL A 25 -28.62 20.62 -10.48
C VAL A 25 -30.08 20.82 -10.91
N PRO A 26 -31.01 20.18 -10.18
CA PRO A 26 -32.45 20.22 -10.50
C PRO A 26 -33.12 21.53 -10.10
N GLU A 27 -34.34 21.74 -10.61
CA GLU A 27 -35.12 22.90 -10.23
C GLU A 27 -35.64 22.72 -8.79
N LEU A 28 -35.38 23.73 -7.96
CA LEU A 28 -35.79 23.70 -6.58
C LEU A 28 -36.42 25.03 -6.21
N PRO A 29 -37.28 25.04 -5.18
CA PRO A 29 -37.83 26.31 -4.68
C PRO A 29 -36.69 27.27 -4.32
N ALA A 30 -36.83 28.53 -4.71
CA ALA A 30 -35.71 29.48 -4.65
C ALA A 30 -35.33 29.92 -3.23
N HIS A 31 -36.11 29.50 -2.25
CA HIS A 31 -35.90 29.92 -0.87
C HIS A 31 -35.14 28.92 0.01
N VAL A 32 -34.85 27.73 -0.50
CA VAL A 32 -34.19 26.69 0.30
C VAL A 32 -32.77 27.11 0.67
N ASN A 33 -32.33 26.79 1.89
CA ASN A 33 -30.97 27.17 2.27
C ASN A 33 -30.08 25.97 2.61
N TYR A 34 -30.66 24.79 2.63
CA TYR A 34 -29.89 23.56 2.78
C TYR A 34 -30.20 22.62 1.63
N VAL A 35 -29.16 22.23 0.90
CA VAL A 35 -29.35 21.32 -0.23
C VAL A 35 -28.29 20.21 -0.20
N ASP A 36 -28.75 18.96 -0.28
CA ASP A 36 -27.85 17.82 -0.34
C ASP A 36 -27.97 17.14 -1.70
N LEU A 37 -26.92 17.25 -2.51
CA LEU A 37 -26.88 16.66 -3.85
C LEU A 37 -25.92 15.47 -3.92
N SER A 38 -25.59 14.90 -2.78
CA SER A 38 -24.63 13.79 -2.74
C SER A 38 -25.09 12.53 -3.50
N LEU A 39 -24.09 11.74 -3.92
CA LEU A 39 -24.29 10.45 -4.60
C LEU A 39 -25.13 10.57 -5.88
N ASN A 40 -24.81 11.55 -6.72
CA ASN A 40 -25.44 11.65 -8.03
C ASN A 40 -24.37 11.59 -9.11
N SER A 41 -24.76 11.86 -10.35
CA SER A 41 -23.85 11.73 -11.48
C SER A 41 -23.57 13.07 -12.15
N ILE A 42 -23.47 14.11 -11.34
CA ILE A 42 -23.17 15.43 -11.89
C ILE A 42 -21.69 15.46 -12.28
N ALA A 43 -21.44 15.69 -13.57
CA ALA A 43 -20.11 15.64 -14.12
C ALA A 43 -19.42 16.99 -14.05
N GLU A 44 -20.20 18.07 -13.98
CA GLU A 44 -19.64 19.42 -14.00
C GLU A 44 -20.56 20.42 -13.32
N LEU A 45 -19.98 21.31 -12.51
CA LEU A 45 -20.72 22.43 -11.94
C LEU A 45 -20.19 23.70 -12.58
N ASN A 46 -21.10 24.58 -13.00
CA ASN A 46 -20.71 25.88 -13.54
C ASN A 46 -21.59 26.98 -12.97
N GLU A 47 -21.46 28.21 -13.50
CA GLU A 47 -22.19 29.35 -12.95
C GLU A 47 -23.71 29.20 -13.06
N THR A 48 -24.18 28.43 -14.03
CA THR A 48 -25.63 28.30 -14.18
C THR A 48 -26.20 27.26 -13.22
N SER A 49 -25.33 26.48 -12.59
CA SER A 49 -25.77 25.41 -11.72
C SER A 49 -26.59 25.88 -10.52
N PHE A 50 -26.17 26.97 -9.88
CA PHE A 50 -26.87 27.46 -8.70
C PHE A 50 -27.43 28.88 -8.91
N SER A 51 -27.84 29.17 -10.13
CA SER A 51 -28.44 30.47 -10.46
C SER A 51 -29.75 30.73 -9.73
N ARG A 52 -30.55 29.68 -9.56
CA ARG A 52 -31.86 29.81 -8.94
C ARG A 52 -31.85 29.40 -7.47
N LEU A 53 -30.70 29.52 -6.82
CA LEU A 53 -30.54 29.11 -5.43
C LEU A 53 -29.60 30.03 -4.64
N GLN A 54 -29.88 31.34 -4.69
CA GLN A 54 -29.00 32.33 -4.06
C GLN A 54 -29.10 32.39 -2.54
N ASP A 55 -30.03 31.63 -1.95
CA ASP A 55 -30.22 31.65 -0.50
C ASP A 55 -29.48 30.51 0.22
N LEU A 56 -28.63 29.82 -0.52
CA LEU A 56 -27.94 28.65 0.01
C LEU A 56 -27.05 28.99 1.20
N GLN A 57 -27.19 28.27 2.31
CA GLN A 57 -26.31 28.44 3.47
C GLN A 57 -25.44 27.20 3.69
N PHE A 58 -25.98 26.05 3.30
CA PHE A 58 -25.38 24.75 3.53
C PHE A 58 -25.60 23.87 2.30
N LEU A 59 -24.50 23.52 1.62
CA LEU A 59 -24.55 22.76 0.39
C LEU A 59 -23.60 21.56 0.42
N LYS A 60 -24.12 20.39 0.10
CA LYS A 60 -23.33 19.17 -0.02
C LYS A 60 -23.43 18.66 -1.44
N VAL A 61 -22.31 18.45 -2.10
CA VAL A 61 -22.29 17.77 -3.40
C VAL A 61 -21.21 16.70 -3.35
N GLU A 62 -21.32 15.82 -2.36
CA GLU A 62 -20.33 14.77 -2.15
C GLU A 62 -20.49 13.62 -3.12
N GLN A 63 -19.37 12.94 -3.36
CA GLN A 63 -19.35 11.62 -3.94
C GLN A 63 -20.16 11.51 -5.22
N GLN A 64 -19.91 12.43 -6.16
CA GLN A 64 -20.46 12.24 -7.49
C GLN A 64 -19.68 11.10 -8.13
N THR A 65 -20.11 10.64 -9.29
CA THR A 65 -19.30 9.70 -10.05
C THR A 65 -17.95 10.36 -10.29
N PRO A 66 -16.88 9.57 -10.40
CA PRO A 66 -15.51 10.13 -10.47
C PRO A 66 -15.34 11.25 -11.49
N GLY A 67 -14.58 12.28 -11.12
CA GLY A 67 -14.15 13.29 -12.08
C GLY A 67 -14.94 14.57 -12.14
N LEU A 68 -15.69 14.87 -11.09
CA LEU A 68 -16.48 16.09 -11.02
C LEU A 68 -15.60 17.30 -11.31
N VAL A 69 -16.06 18.15 -12.21
CA VAL A 69 -15.34 19.38 -12.57
C VAL A 69 -16.12 20.57 -12.04
N ILE A 70 -15.43 21.45 -11.31
CA ILE A 70 -16.08 22.66 -10.82
C ILE A 70 -15.48 23.86 -11.55
N ARG A 71 -16.26 24.47 -12.43
CA ARG A 71 -15.80 25.59 -13.25
C ARG A 71 -15.80 26.90 -12.48
N ASN A 72 -15.05 27.88 -12.99
CA ASN A 72 -15.03 29.22 -12.42
C ASN A 72 -16.42 29.79 -12.17
N ASN A 73 -16.57 30.44 -11.03
CA ASN A 73 -17.77 31.21 -10.68
C ASN A 73 -19.02 30.35 -10.51
N THR A 74 -18.81 29.05 -10.31
CA THR A 74 -19.88 28.13 -9.94
C THR A 74 -20.67 28.67 -8.74
N PHE A 75 -19.96 29.27 -7.79
CA PHE A 75 -20.61 29.73 -6.57
C PHE A 75 -20.71 31.26 -6.46
N ARG A 76 -20.44 31.94 -7.56
CA ARG A 76 -20.56 33.38 -7.59
C ARG A 76 -22.01 33.77 -7.35
N GLY A 77 -22.26 34.59 -6.35
CA GLY A 77 -23.61 34.97 -6.02
C GLY A 77 -24.13 34.32 -4.75
N LEU A 78 -23.50 33.22 -4.33
CA LEU A 78 -23.90 32.55 -3.09
C LEU A 78 -23.30 33.22 -1.86
N SER A 79 -23.66 34.48 -1.65
CA SER A 79 -23.07 35.26 -0.56
C SER A 79 -23.55 34.81 0.81
N SER A 80 -24.54 33.92 0.85
CA SER A 80 -25.00 33.40 2.12
C SER A 80 -24.42 32.02 2.44
N LEU A 81 -23.63 31.47 1.52
CA LEU A 81 -23.11 30.12 1.71
C LEU A 81 -22.09 30.07 2.85
N ILE A 82 -22.37 29.24 3.85
CA ILE A 82 -21.52 29.15 5.04
C ILE A 82 -20.73 27.84 5.09
N ILE A 83 -21.36 26.76 4.65
CA ILE A 83 -20.75 25.44 4.65
C ILE A 83 -20.86 24.79 3.27
N LEU A 84 -19.72 24.33 2.77
CA LEU A 84 -19.63 23.68 1.48
C LEU A 84 -18.87 22.38 1.64
N LYS A 85 -19.56 21.26 1.42
CA LYS A 85 -18.93 19.94 1.54
C LYS A 85 -18.88 19.26 0.18
N LEU A 86 -17.67 18.87 -0.23
CA LEU A 86 -17.45 18.31 -1.56
C LEU A 86 -16.63 17.01 -1.51
N ASP A 87 -16.71 16.32 -0.38
CA ASP A 87 -15.87 15.14 -0.13
C ASP A 87 -16.15 13.96 -1.05
N TYR A 88 -15.15 13.09 -1.16
CA TYR A 88 -15.24 11.80 -1.86
C TYR A 88 -15.51 11.95 -3.35
N ASN A 89 -15.11 13.08 -3.91
CA ASN A 89 -15.15 13.24 -5.35
C ASN A 89 -13.80 12.83 -5.96
N GLN A 90 -13.71 11.57 -6.35
CA GLN A 90 -12.48 11.01 -6.88
C GLN A 90 -12.07 11.79 -8.13
N PHE A 91 -10.78 12.16 -8.18
CA PHE A 91 -10.24 12.93 -9.28
C PHE A 91 -10.97 14.26 -9.46
N LEU A 92 -11.30 14.92 -8.35
CA LEU A 92 -11.94 16.23 -8.39
C LEU A 92 -11.10 17.25 -9.16
N GLN A 93 -11.73 17.93 -10.11
CA GLN A 93 -11.06 18.91 -10.94
C GLN A 93 -11.55 20.32 -10.64
N LEU A 94 -10.65 21.14 -10.10
CA LEU A 94 -10.98 22.51 -9.73
C LEU A 94 -10.31 23.53 -10.64
N GLU A 95 -11.10 24.37 -11.30
CA GLU A 95 -10.52 25.55 -11.93
C GLU A 95 -10.12 26.51 -10.80
N THR A 96 -9.16 27.38 -11.06
CA THR A 96 -8.55 28.16 -10.00
C THR A 96 -9.50 29.20 -9.42
N GLY A 97 -10.54 29.54 -10.19
CA GLY A 97 -11.55 30.45 -9.69
C GLY A 97 -12.81 29.72 -9.26
N ALA A 98 -12.68 28.44 -8.91
CA ALA A 98 -13.85 27.61 -8.56
C ALA A 98 -14.65 28.19 -7.39
N PHE A 99 -13.98 28.86 -6.46
CA PHE A 99 -14.68 29.35 -5.27
C PHE A 99 -14.87 30.87 -5.25
N ASN A 100 -14.82 31.53 -6.42
CA ASN A 100 -15.14 32.95 -6.49
C ASN A 100 -16.49 33.22 -5.85
N GLY A 101 -16.60 34.35 -5.15
CA GLY A 101 -17.85 34.77 -4.53
C GLY A 101 -18.17 34.20 -3.16
N LEU A 102 -17.31 33.32 -2.65
CA LEU A 102 -17.59 32.69 -1.36
C LEU A 102 -16.88 33.41 -0.22
N ALA A 103 -16.99 34.73 -0.20
CA ALA A 103 -16.30 35.55 0.79
C ALA A 103 -16.80 35.31 2.21
N ASN A 104 -18.00 34.74 2.34
CA ASN A 104 -18.57 34.49 3.66
C ASN A 104 -18.49 33.01 4.10
N LEU A 105 -17.97 32.14 3.23
CA LEU A 105 -17.85 30.72 3.58
C LEU A 105 -16.99 30.50 4.82
N GLU A 106 -17.40 29.60 5.70
CA GLU A 106 -16.66 29.34 6.93
C GLU A 106 -16.07 27.93 6.97
N VAL A 107 -16.75 26.99 6.31
CA VAL A 107 -16.35 25.59 6.36
C VAL A 107 -16.28 25.02 4.95
N LEU A 108 -15.14 24.42 4.62
CA LEU A 108 -14.95 23.74 3.34
C LEU A 108 -14.37 22.34 3.59
N THR A 109 -15.01 21.30 3.08
CA THR A 109 -14.44 19.98 3.28
C THR A 109 -14.21 19.29 1.93
N LEU A 110 -12.98 18.82 1.74
CA LEU A 110 -12.51 18.26 0.49
C LEU A 110 -11.74 16.96 0.75
N THR A 111 -12.32 16.11 1.57
CA THR A 111 -11.69 14.86 1.95
C THR A 111 -11.75 13.88 0.78
N GLN A 112 -10.62 13.21 0.54
CA GLN A 112 -10.54 12.10 -0.41
C GLN A 112 -10.92 12.51 -1.83
N CYS A 113 -10.25 13.53 -2.35
CA CYS A 113 -10.55 14.06 -3.67
C CYS A 113 -9.34 14.02 -4.61
N ASN A 114 -8.31 13.26 -4.24
CA ASN A 114 -7.06 13.17 -4.99
C ASN A 114 -6.37 14.49 -5.24
N LEU A 115 -6.54 15.43 -4.31
CA LEU A 115 -5.94 16.75 -4.44
C LEU A 115 -4.48 16.73 -3.98
N ASP A 116 -3.68 17.65 -4.51
CA ASP A 116 -2.31 17.75 -4.05
C ASP A 116 -2.04 19.13 -3.42
N GLY A 117 -0.78 19.36 -3.07
CA GLY A 117 -0.38 20.57 -2.38
C GLY A 117 -0.67 21.89 -3.07
N ALA A 118 -0.85 21.86 -4.38
CA ALA A 118 -1.12 23.09 -5.11
C ALA A 118 -2.49 23.64 -4.71
N VAL A 119 -3.32 22.84 -4.05
CA VAL A 119 -4.62 23.34 -3.64
C VAL A 119 -4.46 24.37 -2.52
N LEU A 120 -3.32 24.34 -1.83
CA LEU A 120 -3.01 25.31 -0.77
C LEU A 120 -2.08 26.42 -1.28
N SER A 121 -1.23 26.10 -2.24
CA SER A 121 -0.25 27.09 -2.70
C SER A 121 -0.77 27.91 -3.87
N GLY A 122 -1.75 27.38 -4.59
CA GLY A 122 -2.40 28.09 -5.68
C GLY A 122 -3.48 29.02 -5.14
N ASN A 123 -4.23 29.64 -6.04
CA ASN A 123 -5.21 30.65 -5.63
C ASN A 123 -6.63 30.14 -5.39
N PHE A 124 -6.80 28.82 -5.32
CA PHE A 124 -8.12 28.19 -5.10
C PHE A 124 -8.84 28.78 -3.88
N PHE A 125 -8.13 28.97 -2.78
CA PHE A 125 -8.78 29.41 -1.56
C PHE A 125 -8.66 30.92 -1.36
N LYS A 126 -8.10 31.60 -2.36
CA LYS A 126 -7.95 33.05 -2.28
C LYS A 126 -9.27 33.82 -2.06
N PRO A 127 -10.38 33.38 -2.67
CA PRO A 127 -11.61 34.12 -2.38
C PRO A 127 -12.17 33.88 -0.97
N LEU A 128 -11.67 32.86 -0.28
CA LEU A 128 -12.28 32.43 0.98
C LEU A 128 -11.77 33.21 2.19
N THR A 129 -12.07 34.51 2.24
CA THR A 129 -11.53 35.39 3.27
C THR A 129 -12.11 35.12 4.67
N SER A 130 -13.29 34.51 4.73
CA SER A 130 -13.89 34.19 6.03
C SER A 130 -13.64 32.76 6.49
N LEU A 131 -12.90 31.99 5.70
CA LEU A 131 -12.71 30.57 5.99
C LEU A 131 -12.16 30.35 7.41
N GLU A 132 -12.76 29.39 8.11
CA GLU A 132 -12.40 29.07 9.47
C GLU A 132 -11.89 27.63 9.60
N MET A 133 -12.51 26.74 8.84
CA MET A 133 -12.26 25.32 8.95
C MET A 133 -12.10 24.70 7.58
N LEU A 134 -10.97 24.03 7.39
CA LEU A 134 -10.64 23.41 6.11
C LEU A 134 -10.26 21.94 6.35
N VAL A 135 -11.01 21.03 5.74
CA VAL A 135 -10.77 19.60 5.93
C VAL A 135 -10.24 19.02 4.61
N LEU A 136 -9.00 18.54 4.64
CA LEU A 136 -8.31 18.04 3.46
C LEU A 136 -7.80 16.62 3.68
N ARG A 137 -8.57 15.83 4.41
CA ARG A 137 -8.14 14.48 4.77
C ARG A 137 -7.94 13.58 3.56
N ASP A 138 -6.93 12.72 3.65
CA ASP A 138 -6.82 11.61 2.74
C ASP A 138 -6.74 12.03 1.28
N ASN A 139 -5.89 13.02 1.03
CA ASN A 139 -5.59 13.43 -0.32
C ASN A 139 -4.13 13.02 -0.64
N ASN A 140 -3.53 13.67 -1.62
CA ASN A 140 -2.15 13.40 -2.05
C ASN A 140 -1.27 14.59 -1.77
N ILE A 141 -1.47 15.22 -0.63
CA ILE A 141 -0.71 16.42 -0.29
C ILE A 141 0.62 16.02 0.32
N LYS A 142 1.70 16.34 -0.38
CA LYS A 142 3.02 15.91 0.04
C LYS A 142 3.77 17.03 0.77
N LYS A 143 3.32 18.25 0.57
CA LYS A 143 3.93 19.40 1.25
C LYS A 143 2.89 20.43 1.60
N ILE A 144 3.02 21.02 2.78
CA ILE A 144 2.04 21.99 3.28
C ILE A 144 2.60 23.39 3.06
N GLN A 145 2.10 24.08 2.02
CA GLN A 145 2.69 25.36 1.63
C GLN A 145 1.65 26.44 1.32
N PRO A 146 0.99 26.94 2.36
CA PRO A 146 -0.06 27.93 2.16
C PRO A 146 0.41 29.19 1.46
N ALA A 147 -0.37 29.64 0.49
CA ALA A 147 -0.06 30.86 -0.25
C ALA A 147 -0.21 32.06 0.68
N SER A 148 0.27 33.21 0.22
CA SER A 148 0.38 34.40 1.05
C SER A 148 -0.95 35.00 1.48
N PHE A 149 -2.02 34.76 0.73
CA PHE A 149 -3.32 35.34 1.12
C PHE A 149 -3.80 34.74 2.44
N PHE A 150 -3.22 33.63 2.89
CA PHE A 150 -3.57 33.08 4.19
C PHE A 150 -3.18 34.01 5.34
N LEU A 151 -2.23 34.92 5.10
CA LEU A 151 -1.85 35.90 6.12
C LEU A 151 -3.03 36.77 6.51
N ASN A 152 -3.95 36.96 5.59
CA ASN A 152 -5.09 37.86 5.80
C ASN A 152 -6.38 37.13 6.14
N MET A 153 -6.32 35.80 6.20
CA MET A 153 -7.49 35.03 6.65
C MET A 153 -7.53 35.03 8.17
N ARG A 154 -8.19 36.05 8.72
CA ARG A 154 -8.13 36.35 10.14
C ARG A 154 -8.86 35.39 11.06
N ARG A 155 -9.72 34.54 10.52
CA ARG A 155 -10.46 33.61 11.39
C ARG A 155 -10.21 32.15 11.04
N PHE A 156 -9.18 31.91 10.24
CA PHE A 156 -8.81 30.55 9.88
C PHE A 156 -8.13 29.88 11.07
N HIS A 157 -8.76 28.85 11.65
CA HIS A 157 -8.23 28.30 12.89
C HIS A 157 -8.33 26.78 13.03
N VAL A 158 -8.84 26.11 12.00
CA VAL A 158 -8.94 24.65 12.02
C VAL A 158 -8.51 24.06 10.69
N LEU A 159 -7.50 23.20 10.74
CA LEU A 159 -6.98 22.58 9.55
C LEU A 159 -6.79 21.10 9.80
N ASP A 160 -7.37 20.27 8.94
CA ASP A 160 -7.25 18.81 9.06
C ASP A 160 -6.62 18.20 7.81
N LEU A 161 -5.42 17.66 7.99
CA LEU A 161 -4.67 17.05 6.89
C LEU A 161 -4.40 15.55 7.12
N THR A 162 -5.15 14.94 8.03
CA THR A 162 -4.98 13.52 8.35
C THR A 162 -4.94 12.62 7.10
N PHE A 163 -4.03 11.65 7.12
CA PHE A 163 -3.88 10.65 6.05
C PHE A 163 -3.32 11.23 4.75
N ASN A 164 -2.67 12.39 4.78
CA ASN A 164 -1.84 12.81 3.65
C ASN A 164 -0.41 12.38 3.90
N LYS A 165 0.26 11.85 2.90
CA LYS A 165 1.67 11.48 3.06
C LYS A 165 2.58 12.69 2.98
N VAL A 166 2.64 13.48 4.04
CA VAL A 166 3.45 14.69 4.04
C VAL A 166 4.91 14.31 4.22
N LYS A 167 5.79 14.76 3.32
CA LYS A 167 7.21 14.44 3.35
C LYS A 167 7.89 14.97 4.60
N SER A 168 7.60 16.23 4.89
CA SER A 168 8.18 16.98 6.03
C SER A 168 7.44 18.30 6.21
N ILE A 169 7.61 18.91 7.37
CA ILE A 169 7.07 20.24 7.68
C ILE A 169 8.20 21.15 8.13
N CYS A 170 8.37 22.29 7.48
CA CYS A 170 9.46 23.15 7.86
C CYS A 170 9.03 24.61 7.93
N GLU A 171 9.91 25.44 8.49
CA GLU A 171 9.58 26.85 8.70
C GLU A 171 9.16 27.54 7.43
N GLU A 172 9.92 27.36 6.36
CA GLU A 172 9.61 28.05 5.11
C GLU A 172 8.29 27.53 4.51
N ASP A 173 7.92 26.29 4.78
CA ASP A 173 6.64 25.77 4.29
C ASP A 173 5.46 26.54 4.86
N LEU A 174 5.53 26.77 6.17
CA LEU A 174 4.40 27.25 6.92
C LEU A 174 4.48 28.74 7.14
N LEU A 175 5.36 29.39 6.41
CA LEU A 175 5.58 30.83 6.55
C LEU A 175 4.28 31.62 6.64
N ASN A 176 3.31 31.27 5.79
CA ASN A 176 2.10 32.06 5.73
C ASN A 176 1.04 31.67 6.76
N PHE A 177 1.36 30.71 7.63
CA PHE A 177 0.53 30.44 8.81
C PHE A 177 1.05 31.19 10.04
N GLN A 178 2.20 31.84 9.93
CA GLN A 178 2.75 32.55 11.08
C GLN A 178 1.79 33.65 11.54
N GLY A 179 1.66 33.79 12.86
CA GLY A 179 0.77 34.78 13.44
C GLY A 179 -0.58 34.17 13.76
N LYS A 180 -0.83 32.97 13.25
CA LYS A 180 -2.14 32.36 13.45
C LYS A 180 -2.26 31.64 14.78
N HIS A 181 -3.47 31.62 15.32
CA HIS A 181 -3.75 30.72 16.41
C HIS A 181 -4.73 29.65 15.97
N PHE A 182 -4.27 28.40 15.88
CA PHE A 182 -5.15 27.29 15.54
C PHE A 182 -5.82 26.73 16.77
N THR A 183 -7.13 26.50 16.69
CA THR A 183 -7.80 25.79 17.77
C THR A 183 -7.53 24.30 17.56
N LEU A 184 -7.43 23.88 16.31
CA LEU A 184 -7.09 22.49 15.98
C LEU A 184 -6.22 22.43 14.76
N LEU A 185 -5.03 21.85 14.93
CA LEU A 185 -4.20 21.56 13.80
C LEU A 185 -4.01 20.05 13.81
N ARG A 186 -4.72 19.36 12.92
CA ARG A 186 -4.70 17.92 12.94
C ARG A 186 -3.76 17.35 11.86
N LEU A 187 -2.62 16.86 12.34
CA LEU A 187 -1.55 16.31 11.49
C LEU A 187 -1.34 14.83 11.84
N SER A 188 -2.43 14.09 11.81
CA SER A 188 -2.43 12.72 12.27
C SER A 188 -2.17 11.79 11.09
N SER A 189 -1.36 10.76 11.31
CA SER A 189 -1.04 9.79 10.27
C SER A 189 -0.60 10.44 8.96
N ILE A 190 0.36 11.34 9.04
CA ILE A 190 0.89 11.97 7.83
C ILE A 190 2.32 11.51 7.50
N THR A 191 2.82 10.54 8.27
CA THR A 191 4.11 9.84 8.07
C THR A 191 5.36 10.70 8.27
N LEU A 192 5.48 11.85 7.58
CA LEU A 192 6.72 12.65 7.66
C LEU A 192 7.95 11.79 7.38
N GLN A 193 7.93 10.98 6.31
CA GLN A 193 9.00 10.01 6.07
C GLN A 193 10.41 10.62 5.99
N ASP A 194 10.52 11.82 5.44
CA ASP A 194 11.83 12.47 5.31
C ASP A 194 12.43 12.92 6.64
N MET A 195 11.58 13.22 7.62
CA MET A 195 12.03 13.71 8.91
C MET A 195 12.46 12.60 9.84
N ASN A 196 13.44 11.82 9.41
CA ASN A 196 14.03 10.76 10.21
C ASN A 196 15.31 11.24 10.89
N GLU A 197 15.89 10.36 11.70
CA GLU A 197 17.06 10.71 12.50
C GLU A 197 18.30 11.04 11.67
N TYR A 198 18.31 10.63 10.41
CA TYR A 198 19.49 10.82 9.55
C TYR A 198 19.40 12.05 8.66
N TRP A 199 18.22 12.66 8.62
CA TRP A 199 17.92 13.74 7.70
C TRP A 199 18.88 14.92 7.77
N LEU A 200 19.45 15.31 6.64
CA LEU A 200 20.35 16.48 6.60
C LEU A 200 19.57 17.81 6.68
N GLY A 201 18.25 17.76 6.51
CA GLY A 201 17.46 18.96 6.47
C GLY A 201 17.05 19.54 7.81
N TRP A 202 17.43 18.92 8.92
CA TRP A 202 16.91 19.35 10.22
C TRP A 202 17.25 20.81 10.58
N GLU A 203 18.50 21.23 10.44
CA GLU A 203 18.85 22.61 10.79
C GLU A 203 18.15 23.61 9.88
N LYS A 204 18.18 23.35 8.58
CA LYS A 204 17.49 24.21 7.62
C LYS A 204 15.97 24.23 7.88
N CYS A 205 15.45 23.17 8.51
CA CYS A 205 14.01 23.07 8.77
C CYS A 205 13.50 24.17 9.71
N GLY A 206 14.35 24.60 10.64
CA GLY A 206 13.99 25.62 11.61
C GLY A 206 12.76 25.22 12.42
N ASN A 207 11.90 26.19 12.72
CA ASN A 207 10.69 25.95 13.48
C ASN A 207 9.46 26.11 12.60
N PRO A 208 8.84 24.97 12.22
CA PRO A 208 7.65 25.08 11.37
C PRO A 208 6.54 25.90 12.00
N PHE A 209 6.45 25.93 13.33
CA PHE A 209 5.36 26.62 14.02
C PHE A 209 5.81 27.96 14.60
N LYS A 210 6.83 28.57 14.00
CA LYS A 210 7.31 29.86 14.45
C LYS A 210 6.17 30.88 14.51
N ASN A 211 6.09 31.64 15.60
CA ASN A 211 5.08 32.69 15.76
C ASN A 211 3.65 32.15 15.58
N THR A 212 3.44 30.90 15.98
CA THR A 212 2.16 30.24 15.81
C THR A 212 1.75 29.55 17.11
N SER A 213 0.50 29.72 17.50
CA SER A 213 0.00 29.05 18.70
C SER A 213 -1.08 28.07 18.31
N ILE A 214 -1.22 27.02 19.11
CA ILE A 214 -2.10 25.91 18.79
C ILE A 214 -2.82 25.44 20.05
N THR A 215 -4.14 25.35 20.02
CA THR A 215 -4.84 24.79 21.17
C THR A 215 -4.64 23.27 21.19
N THR A 216 -5.07 22.58 20.17
CA THR A 216 -4.86 21.13 20.07
C THR A 216 -3.98 20.79 18.89
N LEU A 217 -2.80 20.25 19.18
CA LEU A 217 -1.92 19.76 18.14
C LEU A 217 -2.01 18.24 18.08
N ASP A 218 -2.60 17.72 17.01
CA ASP A 218 -2.74 16.27 16.87
C ASP A 218 -1.66 15.72 15.96
N LEU A 219 -0.69 15.04 16.55
CA LEU A 219 0.40 14.41 15.79
C LEU A 219 0.40 12.89 15.96
N SER A 220 -0.77 12.32 16.19
CA SER A 220 -0.91 10.88 16.41
C SER A 220 -0.61 10.09 15.15
N GLY A 221 -0.25 8.82 15.31
CA GLY A 221 -0.09 7.89 14.22
C GLY A 221 1.07 8.16 13.28
N ASN A 222 2.12 8.80 13.81
CA ASN A 222 3.25 9.21 13.00
C ASN A 222 4.57 8.51 13.37
N GLY A 223 4.51 7.40 14.08
CA GLY A 223 5.72 6.67 14.47
C GLY A 223 6.42 7.26 15.68
N PHE A 224 7.01 8.44 15.50
CA PHE A 224 7.70 9.18 16.56
C PHE A 224 8.61 8.32 17.43
N LYS A 225 9.54 7.65 16.75
CA LYS A 225 10.71 7.06 17.37
C LYS A 225 11.34 8.13 18.26
N GLU A 226 11.90 7.73 19.39
CA GLU A 226 12.43 8.68 20.36
C GLU A 226 13.39 9.70 19.72
N SER A 227 14.33 9.22 18.91
CA SER A 227 15.34 10.09 18.28
C SER A 227 14.69 11.10 17.36
N MET A 228 13.55 10.73 16.81
CA MET A 228 12.83 11.62 15.93
C MET A 228 12.03 12.66 16.70
N ALA A 229 11.31 12.20 17.72
CA ALA A 229 10.54 13.06 18.60
C ALA A 229 11.42 14.15 19.19
N LYS A 230 12.60 13.76 19.65
CA LYS A 230 13.55 14.69 20.25
C LYS A 230 13.91 15.82 19.27
N ARG A 231 14.25 15.46 18.03
CA ARG A 231 14.62 16.46 17.03
C ARG A 231 13.41 17.30 16.64
N PHE A 232 12.24 16.68 16.61
CA PHE A 232 11.04 17.40 16.22
C PHE A 232 10.66 18.44 17.26
N PHE A 233 10.66 18.05 18.53
CA PHE A 233 10.29 18.99 19.58
C PHE A 233 11.40 20.00 19.89
N ASP A 234 12.65 19.63 19.62
CA ASP A 234 13.72 20.63 19.65
C ASP A 234 13.43 21.71 18.60
N ALA A 235 12.99 21.29 17.43
CA ALA A 235 12.74 22.21 16.31
C ALA A 235 11.58 23.15 16.61
N ILE A 236 10.51 22.67 17.24
CA ILE A 236 9.37 23.56 17.50
C ILE A 236 9.35 24.14 18.92
N ALA A 237 10.50 24.16 19.57
CA ALA A 237 10.62 24.66 20.94
C ALA A 237 10.05 26.05 21.10
N GLY A 238 9.23 26.22 22.12
CA GLY A 238 8.65 27.52 22.40
C GLY A 238 7.25 27.68 21.85
N THR A 239 6.83 26.74 20.99
CA THR A 239 5.47 26.78 20.45
C THR A 239 4.42 26.54 21.54
N LYS A 240 3.50 27.49 21.68
CA LYS A 240 2.43 27.39 22.67
C LYS A 240 1.39 26.37 22.22
N ILE A 241 1.30 25.28 22.97
CA ILE A 241 0.40 24.16 22.70
C ILE A 241 -0.31 23.81 23.99
N GLN A 242 -1.63 23.78 23.98
CA GLN A 242 -2.38 23.47 25.17
C GLN A 242 -2.62 21.96 25.30
N SER A 243 -2.96 21.32 24.18
CA SER A 243 -3.16 19.88 24.16
C SER A 243 -2.34 19.23 23.07
N LEU A 244 -1.49 18.31 23.48
CA LEU A 244 -0.64 17.60 22.56
C LEU A 244 -1.10 16.15 22.44
N ILE A 245 -1.42 15.75 21.22
CA ILE A 245 -1.84 14.37 20.97
C ILE A 245 -0.78 13.61 20.19
N LEU A 246 -0.23 12.59 20.85
CA LEU A 246 0.79 11.72 20.29
C LEU A 246 0.45 10.26 20.48
N SER A 247 -0.84 9.94 20.51
CA SER A 247 -1.27 8.56 20.61
C SER A 247 -0.85 7.77 19.36
N ASN A 248 -0.78 6.44 19.46
CA ASN A 248 -0.35 5.60 18.34
C ASN A 248 0.99 6.01 17.75
N SER A 249 1.92 6.38 18.63
CA SER A 249 3.30 6.54 18.23
C SER A 249 3.95 5.15 18.30
N TYR A 250 3.80 4.40 17.20
CA TYR A 250 4.12 2.98 17.20
C TYR A 250 5.63 2.70 17.30
N ASN A 251 6.47 3.71 17.07
CA ASN A 251 7.92 3.58 17.23
C ASN A 251 8.47 4.14 18.55
N MET A 252 7.59 4.78 19.32
CA MET A 252 7.94 5.41 20.59
C MET A 252 7.98 4.38 21.73
N GLY A 253 9.11 4.27 22.41
CA GLY A 253 9.23 3.31 23.48
C GLY A 253 10.06 2.12 23.07
N SER A 254 10.57 1.37 24.03
CA SER A 254 11.47 0.26 23.70
C SER A 254 10.67 -1.02 23.54
N SER A 255 9.38 -0.98 23.87
CA SER A 255 8.51 -2.14 23.72
C SER A 255 8.89 -3.29 24.65
N PHE A 256 8.09 -4.34 24.61
CA PHE A 256 8.29 -5.52 25.44
C PHE A 256 9.53 -6.34 25.12
N GLY A 257 10.49 -6.27 26.04
CA GLY A 257 11.77 -6.95 25.91
C GLY A 257 12.42 -6.78 24.57
N HIS A 258 13.13 -5.68 24.38
CA HIS A 258 13.66 -5.36 23.06
C HIS A 258 14.91 -4.49 23.12
N THR A 259 15.59 -4.38 21.98
CA THR A 259 16.88 -3.70 21.93
C THR A 259 16.96 -2.58 20.89
N ASN A 260 16.13 -2.63 19.86
CA ASN A 260 16.22 -1.63 18.80
C ASN A 260 15.87 -0.21 19.24
N PHE A 261 14.63 0.00 19.66
CA PHE A 261 14.18 1.35 19.95
C PHE A 261 14.32 1.69 21.42
N LYS A 262 14.26 2.99 21.73
CA LYS A 262 14.44 3.42 23.11
C LYS A 262 13.18 4.04 23.70
N ASP A 263 13.08 3.97 25.02
CA ASP A 263 12.07 4.70 25.75
C ASP A 263 12.49 6.18 25.79
N PRO A 264 11.51 7.09 25.89
CA PRO A 264 11.88 8.51 26.02
C PRO A 264 12.64 8.76 27.33
N ASP A 265 13.52 9.77 27.37
CA ASP A 265 14.20 10.12 28.61
C ASP A 265 14.04 11.61 28.88
N ASN A 266 14.85 12.14 29.80
CA ASN A 266 14.68 13.53 30.25
C ASN A 266 15.01 14.55 29.17
N PHE A 267 15.59 14.12 28.06
CA PHE A 267 15.87 15.05 26.95
C PHE A 267 14.83 14.97 25.86
N THR A 268 14.06 13.88 25.82
CA THR A 268 13.18 13.66 24.69
C THR A 268 12.20 14.82 24.46
N PHE A 269 11.58 15.33 25.53
CA PHE A 269 10.55 16.34 25.38
C PHE A 269 10.98 17.72 25.85
N LYS A 270 12.29 17.93 25.98
CA LYS A 270 12.81 19.17 26.50
C LYS A 270 12.35 20.40 25.69
N GLY A 271 12.20 20.24 24.39
CA GLY A 271 11.75 21.32 23.55
C GLY A 271 10.36 21.86 23.89
N LEU A 272 9.58 21.12 24.67
CA LEU A 272 8.22 21.54 25.03
C LEU A 272 8.20 22.27 26.38
N GLU A 273 9.40 22.54 26.87
CA GLU A 273 9.66 23.24 28.13
C GLU A 273 8.81 24.50 28.34
N ALA A 274 8.74 25.34 27.31
CA ALA A 274 8.04 26.61 27.43
C ALA A 274 6.73 26.62 26.66
N SER A 275 6.13 25.46 26.45
CA SER A 275 4.94 25.40 25.59
C SER A 275 3.61 25.58 26.33
N GLY A 276 3.65 25.46 27.64
CA GLY A 276 2.46 25.58 28.46
C GLY A 276 1.47 24.45 28.25
N VAL A 277 1.95 23.24 27.96
CA VAL A 277 1.06 22.10 27.65
C VAL A 277 0.22 21.71 28.85
N LYS A 278 -1.09 21.58 28.68
CA LYS A 278 -1.98 21.23 29.80
C LYS A 278 -2.40 19.76 29.82
N THR A 279 -2.56 19.17 28.63
CA THR A 279 -2.91 17.76 28.51
C THR A 279 -2.00 17.10 27.48
N CYS A 280 -1.57 15.88 27.75
CA CYS A 280 -0.69 15.15 26.85
C CYS A 280 -1.17 13.71 26.71
N ASP A 281 -1.35 13.29 25.47
CA ASP A 281 -1.81 11.94 25.19
C ASP A 281 -0.71 11.15 24.49
N LEU A 282 -0.15 10.17 25.20
CA LEU A 282 0.88 9.29 24.67
C LEU A 282 0.39 7.85 24.66
N SER A 283 -0.93 7.69 24.61
CA SER A 283 -1.53 6.36 24.68
C SER A 283 -1.28 5.56 23.39
N LYS A 284 -1.47 4.25 23.47
CA LYS A 284 -1.34 3.33 22.34
C LYS A 284 0.02 3.37 21.68
N SER A 285 1.05 3.56 22.47
CA SER A 285 2.42 3.54 21.96
C SER A 285 3.10 2.32 22.55
N LYS A 286 4.43 2.34 22.65
CA LYS A 286 5.12 1.12 23.07
C LYS A 286 6.15 1.37 24.15
N ILE A 287 5.82 2.30 25.03
CA ILE A 287 6.71 2.65 26.12
C ILE A 287 6.77 1.48 27.11
N PHE A 288 7.98 1.11 27.51
CA PHE A 288 8.22 -0.04 28.40
C PHE A 288 8.58 0.43 29.81
N ALA A 289 9.40 1.47 29.89
CA ALA A 289 9.81 2.00 31.19
C ALA A 289 9.66 3.51 31.19
N LEU A 290 9.20 4.05 32.31
CA LEU A 290 9.17 5.50 32.51
C LEU A 290 10.47 5.91 33.19
N LEU A 291 11.34 6.61 32.46
CA LEU A 291 12.66 6.93 33.00
C LEU A 291 12.61 8.24 33.80
N LYS A 292 13.66 8.53 34.56
CA LYS A 292 13.61 9.67 35.45
C LYS A 292 13.52 10.99 34.69
N SER A 293 12.67 11.86 35.23
CA SER A 293 12.45 13.20 34.68
C SER A 293 12.04 13.23 33.21
N VAL A 294 11.48 12.11 32.73
CA VAL A 294 11.05 12.06 31.33
C VAL A 294 9.96 13.10 31.07
N PHE A 295 9.18 13.44 32.10
CA PHE A 295 8.12 14.44 31.95
C PHE A 295 8.42 15.76 32.65
N SER A 296 9.69 15.96 33.05
CA SER A 296 10.04 17.12 33.90
C SER A 296 9.94 18.49 33.21
N HIS A 297 9.70 18.48 31.91
CA HIS A 297 9.57 19.72 31.16
C HIS A 297 8.10 20.07 30.99
N PHE A 298 7.22 19.21 31.46
CA PHE A 298 5.79 19.52 31.40
C PHE A 298 5.33 20.16 32.70
N THR A 299 5.89 21.31 33.03
CA THR A 299 5.63 21.90 34.33
C THR A 299 4.23 22.50 34.47
N ASP A 300 3.50 22.60 33.37
CA ASP A 300 2.12 23.12 33.46
C ASP A 300 1.10 22.00 33.26
N LEU A 301 1.57 20.77 33.02
CA LEU A 301 0.69 19.67 32.64
C LEU A 301 -0.31 19.31 33.73
N GLU A 302 -1.57 19.15 33.34
CA GLU A 302 -2.65 18.78 34.28
C GLU A 302 -3.22 17.38 34.06
N GLN A 303 -3.16 16.89 32.83
CA GLN A 303 -3.65 15.55 32.48
C GLN A 303 -2.65 14.83 31.59
N LEU A 304 -2.38 13.58 31.90
CA LEU A 304 -1.43 12.79 31.14
C LEU A 304 -1.97 11.38 30.99
N THR A 305 -2.19 10.92 29.77
CA THR A 305 -2.53 9.51 29.61
C THR A 305 -1.41 8.73 28.92
N LEU A 306 -1.10 7.59 29.54
CA LEU A 306 -0.13 6.63 29.04
C LEU A 306 -0.81 5.27 28.84
N ALA A 307 -2.14 5.30 28.70
CA ALA A 307 -2.89 4.07 28.55
C ALA A 307 -2.45 3.24 27.33
N GLN A 308 -2.59 1.92 27.43
CA GLN A 308 -2.31 1.01 26.34
C GLN A 308 -0.90 1.12 25.77
N ASN A 309 0.09 1.21 26.65
CA ASN A 309 1.47 1.09 26.22
C ASN A 309 1.97 -0.29 26.58
N GLU A 310 3.26 -0.43 26.88
CA GLU A 310 3.77 -1.72 27.32
C GLU A 310 4.55 -1.56 28.61
N ILE A 311 4.05 -0.67 29.44
CA ILE A 311 4.80 -0.21 30.60
C ILE A 311 4.89 -1.30 31.66
N ASN A 312 6.13 -1.70 31.95
CA ASN A 312 6.44 -2.69 32.96
C ASN A 312 7.10 -2.05 34.17
N LYS A 313 7.73 -0.89 33.95
CA LYS A 313 8.54 -0.24 34.97
C LYS A 313 8.32 1.25 35.09
N ILE A 314 8.29 1.72 36.33
CA ILE A 314 8.33 3.15 36.62
C ILE A 314 9.53 3.45 37.51
N ASP A 315 10.58 4.06 36.95
CA ASP A 315 11.79 4.34 37.70
C ASP A 315 11.61 5.43 38.75
N ASP A 316 12.56 5.54 39.68
CA ASP A 316 12.55 6.64 40.65
C ASP A 316 12.54 7.97 39.92
N ASN A 317 11.75 8.89 40.43
CA ASN A 317 11.63 10.24 39.87
C ASN A 317 11.19 10.29 38.42
N ALA A 318 10.36 9.33 38.02
CA ALA A 318 9.81 9.33 36.67
C ALA A 318 8.86 10.52 36.50
N PHE A 319 8.23 10.93 37.60
CA PHE A 319 7.22 11.97 37.54
C PHE A 319 7.76 13.28 38.13
N TRP A 320 9.07 13.36 38.28
CA TRP A 320 9.71 14.59 38.76
C TRP A 320 9.32 15.77 37.89
N GLY A 321 8.92 16.87 38.52
CA GLY A 321 8.60 18.09 37.80
C GLY A 321 7.13 18.26 37.45
N LEU A 322 6.31 17.24 37.71
CA LEU A 322 4.88 17.30 37.37
C LEU A 322 4.08 17.93 38.49
N THR A 323 4.43 19.17 38.80
CA THR A 323 3.87 19.87 39.95
C THR A 323 2.38 20.23 39.84
N HIS A 324 1.82 20.19 38.63
CA HIS A 324 0.42 20.58 38.45
C HIS A 324 -0.50 19.43 38.02
N LEU A 325 0.05 18.24 37.83
CA LEU A 325 -0.71 17.12 37.30
C LEU A 325 -1.87 16.71 38.20
N LEU A 326 -3.04 16.59 37.59
CA LEU A 326 -4.27 16.26 38.31
C LEU A 326 -4.77 14.87 37.93
N LYS A 327 -4.39 14.42 36.74
CA LYS A 327 -4.90 13.17 36.24
C LYS A 327 -3.81 12.35 35.55
N LEU A 328 -3.69 11.10 35.98
CA LEU A 328 -2.72 10.18 35.41
C LEU A 328 -3.42 8.89 35.01
N ASN A 329 -3.41 8.60 33.72
CA ASN A 329 -4.01 7.38 33.22
C ASN A 329 -2.94 6.36 32.81
N LEU A 330 -2.85 5.27 33.55
CA LEU A 330 -1.89 4.19 33.27
C LEU A 330 -2.62 2.89 32.93
N SER A 331 -3.87 2.99 32.54
CA SER A 331 -4.67 1.81 32.25
C SER A 331 -4.14 0.98 31.07
N GLN A 332 -4.34 -0.34 31.16
CA GLN A 332 -3.94 -1.29 30.13
C GLN A 332 -2.44 -1.26 29.88
N ASN A 333 -1.70 -1.52 30.95
CA ASN A 333 -0.26 -1.74 30.86
C ASN A 333 0.11 -3.01 31.63
N PHE A 334 1.38 -3.15 32.02
CA PHE A 334 1.85 -4.37 32.64
C PHE A 334 2.66 -4.12 33.91
N LEU A 335 2.20 -3.19 34.76
CA LEU A 335 2.94 -2.82 35.95
C LEU A 335 3.16 -3.99 36.91
N GLY A 336 2.17 -4.88 37.00
CA GLY A 336 2.30 -6.07 37.83
C GLY A 336 2.39 -5.85 39.33
N SER A 337 3.10 -4.82 39.77
CA SER A 337 3.11 -4.54 41.19
C SER A 337 3.39 -3.06 41.40
N ILE A 338 2.82 -2.52 42.48
CA ILE A 338 2.91 -1.10 42.82
C ILE A 338 3.70 -0.87 44.08
N ASP A 339 4.59 0.11 44.09
CA ASP A 339 5.24 0.51 45.35
C ASP A 339 5.21 2.01 45.56
N SER A 340 5.61 2.41 46.77
CA SER A 340 5.57 3.80 47.21
C SER A 340 6.41 4.75 46.39
N ARG A 341 7.58 4.31 45.96
CA ARG A 341 8.48 5.21 45.21
C ARG A 341 7.87 5.65 43.88
N MET A 342 7.08 4.77 43.29
CA MET A 342 6.65 4.92 41.91
C MET A 342 5.82 6.20 41.67
N PHE A 343 4.99 6.59 42.64
CA PHE A 343 4.14 7.74 42.47
C PHE A 343 4.58 8.96 43.30
N GLU A 344 5.89 9.07 43.56
CA GLU A 344 6.43 10.27 44.16
C GLU A 344 6.29 11.43 43.19
N ASN A 345 6.37 12.66 43.72
CA ASN A 345 6.30 13.88 42.89
C ASN A 345 4.96 14.12 42.20
N LEU A 346 3.87 13.68 42.82
CA LEU A 346 2.54 13.88 42.24
C LEU A 346 1.56 14.40 43.29
N ASP A 347 2.01 15.40 44.04
CA ASP A 347 1.27 15.90 45.19
C ASP A 347 -0.15 16.39 44.88
N LYS A 348 -0.34 16.92 43.67
CA LYS A 348 -1.65 17.47 43.33
C LYS A 348 -2.57 16.47 42.64
N LEU A 349 -2.12 15.23 42.48
CA LEU A 349 -2.90 14.24 41.72
C LEU A 349 -4.29 14.01 42.33
N GLU A 350 -5.30 14.00 41.48
CA GLU A 350 -6.69 13.80 41.91
C GLU A 350 -7.31 12.53 41.34
N VAL A 351 -6.82 12.10 40.18
CA VAL A 351 -7.36 10.93 39.50
C VAL A 351 -6.21 10.02 39.05
N LEU A 352 -6.24 8.77 39.47
CA LEU A 352 -5.23 7.78 39.12
C LEU A 352 -5.88 6.48 38.62
N ASP A 353 -5.63 6.13 37.36
CA ASP A 353 -6.18 4.90 36.78
C ASP A 353 -5.11 3.82 36.64
N LEU A 354 -5.22 2.78 37.46
CA LEU A 354 -4.29 1.65 37.42
C LEU A 354 -5.01 0.36 37.03
N SER A 355 -6.19 0.50 36.43
CA SER A 355 -6.94 -0.66 36.01
C SER A 355 -6.21 -1.40 34.88
N TYR A 356 -6.55 -2.68 34.69
CA TYR A 356 -5.95 -3.50 33.61
C TYR A 356 -4.42 -3.49 33.59
N ASN A 357 -3.79 -3.82 34.71
CA ASN A 357 -2.34 -3.85 34.77
C ASN A 357 -1.72 -5.12 35.27
N HIS A 358 -2.52 -6.19 35.34
CA HIS A 358 -2.04 -7.48 35.80
C HIS A 358 -1.42 -7.37 37.19
N ILE A 359 -1.93 -6.44 38.00
CA ILE A 359 -1.38 -6.18 39.32
C ILE A 359 -1.70 -7.27 40.35
N ARG A 360 -0.66 -7.82 40.98
CA ARG A 360 -0.82 -8.83 42.01
C ARG A 360 -0.36 -8.35 43.38
N ALA A 361 0.24 -7.17 43.44
CA ALA A 361 0.76 -6.69 44.72
C ALA A 361 0.77 -5.18 44.81
N LEU A 362 0.34 -4.67 45.95
CA LEU A 362 0.46 -3.27 46.31
C LEU A 362 1.44 -3.16 47.47
N GLY A 363 2.50 -2.38 47.32
CA GLY A 363 3.44 -2.18 48.40
C GLY A 363 2.78 -1.41 49.54
N ASP A 364 3.33 -1.56 50.73
CA ASP A 364 2.79 -0.98 51.96
C ASP A 364 2.42 0.51 51.88
N GLN A 365 3.32 1.33 51.36
CA GLN A 365 3.02 2.75 51.37
C GLN A 365 2.74 3.29 49.98
N SER A 366 2.09 2.49 49.15
CA SER A 366 1.95 2.80 47.74
C SER A 366 1.36 4.16 47.42
N PHE A 367 0.37 4.58 48.18
CA PHE A 367 -0.35 5.80 47.85
C PHE A 367 -0.13 6.91 48.88
N LEU A 368 0.99 6.84 49.58
CA LEU A 368 1.31 7.76 50.66
C LEU A 368 1.37 9.24 50.24
N GLY A 369 2.07 9.52 49.13
CA GLY A 369 2.30 10.89 48.70
C GLY A 369 1.20 11.48 47.82
N LEU A 370 -0.02 11.02 48.00
CA LEU A 370 -1.13 11.48 47.18
C LEU A 370 -2.32 11.95 48.02
N PRO A 371 -2.12 13.01 48.80
CA PRO A 371 -3.15 13.46 49.75
C PRO A 371 -4.40 14.01 49.07
N ASN A 372 -4.28 14.41 47.80
CA ASN A 372 -5.41 15.03 47.11
C ASN A 372 -6.17 14.10 46.19
N LEU A 373 -5.77 12.82 46.19
CA LEU A 373 -6.40 11.83 45.32
C LEU A 373 -7.89 11.72 45.60
N LYS A 374 -8.70 11.88 44.56
CA LYS A 374 -10.15 11.77 44.65
C LYS A 374 -10.66 10.47 44.03
N GLU A 375 -10.01 10.02 42.95
CA GLU A 375 -10.45 8.82 42.24
C GLU A 375 -9.30 7.84 42.01
N LEU A 376 -9.51 6.60 42.46
CA LEU A 376 -8.48 5.59 42.32
C LEU A 376 -9.10 4.33 41.72
N ALA A 377 -8.65 3.98 40.52
CA ALA A 377 -9.13 2.76 39.88
C ALA A 377 -8.08 1.66 39.97
N LEU A 378 -8.46 0.54 40.57
CA LEU A 378 -7.61 -0.65 40.68
C LEU A 378 -8.34 -1.89 40.18
N ASP A 379 -9.45 -1.69 39.48
CA ASP A 379 -10.24 -2.81 38.98
C ASP A 379 -9.53 -3.58 37.88
N THR A 380 -10.01 -4.79 37.62
CA THR A 380 -9.52 -5.67 36.57
C THR A 380 -8.00 -5.88 36.67
N ASN A 381 -7.58 -6.36 37.83
CA ASN A 381 -6.22 -6.77 38.03
C ASN A 381 -6.19 -8.20 38.57
N GLN A 382 -5.18 -8.54 39.35
CA GLN A 382 -5.06 -9.88 39.88
C GLN A 382 -4.80 -9.86 41.37
N LEU A 383 -5.35 -8.85 42.03
CA LEU A 383 -5.15 -8.66 43.46
C LEU A 383 -5.95 -9.68 44.27
N LYS A 384 -5.28 -10.38 45.18
CA LYS A 384 -5.99 -11.30 46.07
C LYS A 384 -6.16 -10.63 47.42
N SER A 385 -5.32 -9.63 47.68
CA SER A 385 -5.25 -8.96 48.95
C SER A 385 -4.55 -7.59 48.83
N VAL A 386 -4.74 -6.74 49.83
CA VAL A 386 -4.03 -5.47 49.95
C VAL A 386 -3.43 -5.44 51.36
N PRO A 387 -2.37 -4.65 51.56
CA PRO A 387 -1.83 -4.49 52.92
C PRO A 387 -2.78 -3.70 53.82
N ASP A 388 -2.80 -4.02 55.12
CA ASP A 388 -3.61 -3.26 56.09
C ASP A 388 -3.26 -1.77 56.07
N GLY A 389 -4.28 -0.93 56.05
CA GLY A 389 -4.10 0.52 56.11
C GLY A 389 -3.71 1.18 54.79
N ILE A 390 -3.77 0.43 53.69
CA ILE A 390 -3.29 0.92 52.40
C ILE A 390 -4.05 2.19 51.95
N PHE A 391 -5.30 2.36 52.39
CA PHE A 391 -6.12 3.48 51.90
C PHE A 391 -6.38 4.57 52.95
N ASP A 392 -5.82 4.41 54.16
CA ASP A 392 -6.17 5.30 55.26
C ASP A 392 -5.73 6.76 55.13
N ARG A 393 -4.69 7.03 54.36
CA ARG A 393 -4.21 8.41 54.24
C ARG A 393 -4.85 9.13 53.04
N LEU A 394 -5.65 8.40 52.25
CA LEU A 394 -6.35 9.02 51.14
C LEU A 394 -7.59 9.76 51.62
N THR A 395 -7.37 10.90 52.29
CA THR A 395 -8.43 11.62 52.97
C THR A 395 -9.35 12.41 52.03
N SER A 396 -8.93 12.61 50.78
CA SER A 396 -9.78 13.33 49.83
C SER A 396 -10.60 12.36 48.98
N LEU A 397 -10.38 11.07 49.16
CA LEU A 397 -10.95 10.06 48.28
C LEU A 397 -12.47 10.14 48.15
N GLN A 398 -12.95 10.05 46.91
CA GLN A 398 -14.38 10.09 46.65
C GLN A 398 -14.86 8.83 45.93
N LYS A 399 -13.99 8.29 45.09
CA LYS A 399 -14.34 7.12 44.28
C LYS A 399 -13.19 6.13 44.20
N ILE A 400 -13.53 4.86 44.35
CA ILE A 400 -12.54 3.82 44.19
C ILE A 400 -13.17 2.62 43.45
N TRP A 401 -12.38 2.03 42.56
CA TRP A 401 -12.78 0.84 41.81
C TRP A 401 -11.90 -0.33 42.26
N LEU A 402 -12.51 -1.40 42.74
CA LEU A 402 -11.75 -2.57 43.19
C LEU A 402 -12.31 -3.86 42.63
N HIS A 403 -13.35 -3.78 41.78
CA HIS A 403 -13.99 -4.97 41.26
C HIS A 403 -13.12 -5.72 40.23
N THR A 404 -13.60 -6.90 39.83
CA THR A 404 -12.91 -7.80 38.91
C THR A 404 -11.48 -8.08 39.40
N ASN A 405 -11.38 -8.40 40.70
CA ASN A 405 -10.15 -8.93 41.29
C ASN A 405 -10.49 -10.21 42.03
N PRO A 406 -9.56 -11.19 42.06
CA PRO A 406 -9.81 -12.46 42.75
C PRO A 406 -9.60 -12.35 44.27
N TRP A 407 -10.42 -11.54 44.93
CA TRP A 407 -10.22 -11.27 46.34
C TRP A 407 -10.26 -12.54 47.19
N ASP A 408 -9.25 -12.70 48.03
CA ASP A 408 -9.21 -13.79 48.99
C ASP A 408 -9.93 -13.36 50.25
N CYS A 409 -11.12 -13.90 50.46
CA CYS A 409 -11.95 -13.46 51.58
C CYS A 409 -11.86 -14.31 52.83
N SER A 410 -10.76 -15.03 53.00
CA SER A 410 -10.53 -15.74 54.24
C SER A 410 -10.19 -14.77 55.37
N CYS A 411 -10.57 -15.14 56.59
CA CYS A 411 -10.31 -14.34 57.78
C CYS A 411 -9.10 -14.87 58.57
N PRO A 412 -8.29 -13.96 59.14
CA PRO A 412 -8.47 -12.50 59.18
C PRO A 412 -7.79 -11.72 58.05
N ARG A 413 -7.44 -12.39 56.95
CA ARG A 413 -6.75 -11.69 55.88
C ARG A 413 -7.59 -10.57 55.27
N ILE A 414 -8.88 -10.79 55.16
CA ILE A 414 -9.76 -9.85 54.47
C ILE A 414 -10.34 -8.81 55.44
N ASP A 415 -9.88 -8.84 56.70
CA ASP A 415 -10.53 -8.02 57.73
C ASP A 415 -10.47 -6.51 57.47
N TYR A 416 -9.28 -6.00 57.14
CA TYR A 416 -9.13 -4.57 56.88
C TYR A 416 -9.97 -4.12 55.69
N LEU A 417 -9.85 -4.83 54.57
CA LEU A 417 -10.50 -4.42 53.33
C LEU A 417 -12.01 -4.49 53.40
N SER A 418 -12.53 -5.58 53.96
CA SER A 418 -13.98 -5.74 54.11
C SER A 418 -14.56 -4.63 54.98
N ARG A 419 -13.91 -4.36 56.11
CA ARG A 419 -14.37 -3.27 56.98
C ARG A 419 -14.24 -1.91 56.26
N TRP A 420 -13.11 -1.67 55.61
CA TRP A 420 -12.89 -0.40 54.94
C TRP A 420 -13.92 -0.19 53.82
N LEU A 421 -14.17 -1.23 53.03
CA LEU A 421 -15.15 -1.11 51.95
C LEU A 421 -16.58 -0.89 52.46
N ASN A 422 -16.87 -1.44 53.63
CA ASN A 422 -18.17 -1.24 54.21
C ASN A 422 -18.33 0.19 54.72
N LYS A 423 -17.37 0.65 55.50
CA LYS A 423 -17.40 2.02 56.01
C LYS A 423 -17.43 3.04 54.88
N ASN A 424 -16.76 2.71 53.77
CA ASN A 424 -16.68 3.62 52.64
C ASN A 424 -17.52 3.19 51.45
N SER A 425 -18.66 2.56 51.72
CA SER A 425 -19.48 1.97 50.67
C SER A 425 -19.97 2.97 49.61
N GLN A 426 -20.09 4.23 50.00
CA GLN A 426 -20.57 5.24 49.07
C GLN A 426 -19.47 5.59 48.05
N LYS A 427 -18.22 5.21 48.35
CA LYS A 427 -17.12 5.52 47.45
C LYS A 427 -16.85 4.43 46.43
N GLU A 428 -17.21 3.19 46.76
CA GLU A 428 -16.89 2.07 45.88
C GLU A 428 -17.72 2.11 44.61
N GLN A 429 -17.05 2.18 43.47
CA GLN A 429 -17.70 2.08 42.19
C GLN A 429 -17.68 0.65 41.76
N GLY A 430 -18.85 0.09 41.49
CA GLY A 430 -18.94 -1.32 41.18
C GLY A 430 -18.85 -2.12 42.47
N SER A 431 -18.52 -3.39 42.34
CA SER A 431 -18.59 -4.24 43.52
C SER A 431 -17.46 -5.29 43.55
N ALA A 432 -16.55 -5.13 44.50
CA ALA A 432 -15.51 -6.13 44.74
C ALA A 432 -16.14 -7.38 45.32
N LYS A 433 -15.77 -8.52 44.75
CA LYS A 433 -16.38 -9.79 45.10
C LYS A 433 -15.36 -10.81 45.60
N CYS A 434 -15.74 -11.61 46.58
CA CYS A 434 -14.91 -12.73 47.03
C CYS A 434 -14.78 -13.76 45.91
N SER A 435 -13.55 -14.23 45.68
CA SER A 435 -13.37 -15.35 44.75
C SER A 435 -13.93 -16.61 45.39
N GLY A 436 -14.69 -17.37 44.64
CA GLY A 436 -15.28 -18.58 45.19
C GLY A 436 -16.74 -18.40 45.56
N SER A 437 -17.00 -17.70 46.65
CA SER A 437 -18.36 -17.47 47.10
C SER A 437 -19.11 -16.42 46.25
N GLY A 438 -18.40 -15.39 45.81
CA GLY A 438 -19.00 -14.35 44.99
C GLY A 438 -19.75 -13.28 45.77
N LYS A 439 -19.63 -13.29 47.10
CA LYS A 439 -20.30 -12.28 47.89
C LYS A 439 -19.49 -11.00 47.94
N PRO A 440 -20.16 -9.85 48.08
CA PRO A 440 -19.43 -8.58 48.18
C PRO A 440 -18.43 -8.60 49.33
N VAL A 441 -17.21 -8.15 49.05
CA VAL A 441 -16.17 -8.06 50.07
C VAL A 441 -16.64 -7.15 51.20
N ARG A 442 -17.42 -6.13 50.85
CA ARG A 442 -17.92 -5.18 51.85
C ARG A 442 -18.81 -5.84 52.91
N SER A 443 -19.31 -7.05 52.63
CA SER A 443 -20.27 -7.70 53.51
C SER A 443 -19.63 -8.68 54.49
N ILE A 444 -18.37 -9.02 54.27
CA ILE A 444 -17.66 -9.96 55.13
C ILE A 444 -17.30 -9.38 56.49
N ILE A 445 -17.74 -10.05 57.55
CA ILE A 445 -17.38 -9.68 58.91
C ILE A 445 -16.57 -10.82 59.53
N CYS A 446 -15.28 -10.60 59.73
CA CYS A 446 -14.43 -11.64 60.30
C CYS A 446 -14.73 -11.80 61.80
N PRO A 447 -14.78 -13.05 62.29
CA PRO A 447 -15.07 -13.33 63.71
C PRO A 447 -14.08 -12.68 64.66
N THR A 448 -12.82 -12.55 64.26
CA THR A 448 -11.84 -11.75 64.99
C THR A 448 -11.21 -10.74 64.02
N SER A 449 -10.03 -10.21 64.35
CA SER A 449 -9.41 -9.18 63.52
C SER A 449 -7.91 -9.38 63.32
N GLU B 7 40.03 -7.55 6.44
CA GLU B 7 39.06 -8.64 6.46
C GLU B 7 38.48 -8.85 5.07
N CYS B 8 38.68 -7.86 4.22
CA CYS B 8 38.26 -7.92 2.82
C CYS B 8 39.03 -8.99 2.05
N SER B 9 38.38 -9.52 1.02
CA SER B 9 39.04 -10.44 0.10
C SER B 9 39.61 -9.68 -1.08
N VAL B 10 40.94 -9.66 -1.17
CA VAL B 10 41.60 -8.98 -2.28
C VAL B 10 42.05 -10.01 -3.30
N ILE B 11 41.55 -9.87 -4.52
CA ILE B 11 41.87 -10.79 -5.60
C ILE B 11 42.28 -10.00 -6.84
N GLY B 12 43.58 -9.92 -7.09
CA GLY B 12 44.09 -9.13 -8.18
C GLY B 12 43.73 -7.67 -7.99
N TYR B 13 43.02 -7.10 -8.96
CA TYR B 13 42.60 -5.71 -8.86
C TYR B 13 41.22 -5.59 -8.22
N ASN B 14 40.68 -6.72 -7.75
CA ASN B 14 39.35 -6.77 -7.15
C ASN B 14 39.38 -6.86 -5.61
N ALA B 15 38.57 -6.03 -4.96
CA ALA B 15 38.43 -6.09 -3.51
C ALA B 15 36.99 -6.34 -3.09
N ILE B 16 36.75 -7.49 -2.47
CA ILE B 16 35.42 -7.86 -2.01
C ILE B 16 35.27 -7.69 -0.49
N CYS B 17 34.38 -6.79 -0.08
CA CYS B 17 34.18 -6.52 1.33
C CYS B 17 32.74 -6.72 1.73
N ILE B 18 32.06 -7.62 1.03
CA ILE B 18 30.64 -7.89 1.30
C ILE B 18 30.41 -8.46 2.69
N ASN B 19 29.48 -7.85 3.43
CA ASN B 19 29.04 -8.35 4.73
C ASN B 19 30.18 -8.60 5.71
N ARG B 20 30.93 -7.56 6.04
CA ARG B 20 32.08 -7.71 6.92
C ARG B 20 31.92 -6.97 8.25
N GLY B 21 30.75 -6.40 8.48
CA GLY B 21 30.51 -5.65 9.71
C GLY B 21 31.29 -4.35 9.77
N LEU B 22 31.61 -3.82 8.59
CA LEU B 22 32.43 -2.62 8.49
C LEU B 22 31.66 -1.35 8.81
N HIS B 23 32.33 -0.45 9.51
CA HIS B 23 31.74 0.83 9.87
C HIS B 23 32.42 1.98 9.16
N GLN B 24 33.45 1.68 8.39
CA GLN B 24 34.13 2.67 7.56
C GLN B 24 34.87 1.98 6.43
N VAL B 25 35.26 2.74 5.42
CA VAL B 25 36.03 2.19 4.32
C VAL B 25 37.37 1.69 4.86
N PRO B 26 37.67 0.40 4.67
CA PRO B 26 38.90 -0.20 5.18
C PRO B 26 40.12 0.16 4.32
N GLU B 27 41.31 -0.09 4.87
CA GLU B 27 42.54 0.12 4.10
C GLU B 27 42.65 -0.97 3.04
N LEU B 28 42.86 -0.55 1.80
CA LEU B 28 42.99 -1.51 0.70
C LEU B 28 44.16 -1.11 -0.19
N PRO B 29 44.76 -2.09 -0.88
CA PRO B 29 45.84 -1.81 -1.85
C PRO B 29 45.40 -0.81 -2.92
N ALA B 30 46.26 0.15 -3.21
CA ALA B 30 45.92 1.30 -4.03
C ALA B 30 45.73 0.97 -5.51
N HIS B 31 45.97 -0.28 -5.90
CA HIS B 31 45.93 -0.63 -7.31
C HIS B 31 44.57 -1.16 -7.71
N VAL B 32 43.70 -1.41 -6.73
CA VAL B 32 42.41 -2.04 -7.02
C VAL B 32 41.53 -1.10 -7.84
N ASN B 33 40.79 -1.66 -8.79
CA ASN B 33 39.92 -0.86 -9.61
C ASN B 33 38.45 -1.28 -9.48
N TYR B 34 38.23 -2.38 -8.75
CA TYR B 34 36.88 -2.81 -8.38
C TYR B 34 36.78 -3.05 -6.88
N VAL B 35 35.80 -2.39 -6.24
CA VAL B 35 35.56 -2.54 -4.81
C VAL B 35 34.08 -2.73 -4.48
N ASP B 36 33.76 -3.80 -3.76
CA ASP B 36 32.39 -4.02 -3.32
C ASP B 36 32.27 -3.94 -1.80
N LEU B 37 31.63 -2.89 -1.32
CA LEU B 37 31.45 -2.66 0.10
C LEU B 37 30.01 -2.87 0.54
N SER B 38 29.24 -3.59 -0.27
CA SER B 38 27.82 -3.80 0.00
C SER B 38 27.58 -4.54 1.31
N LEU B 39 26.39 -4.32 1.87
CA LEU B 39 25.94 -4.98 3.10
C LEU B 39 26.87 -4.76 4.29
N ASN B 40 27.25 -3.52 4.53
CA ASN B 40 28.01 -3.18 5.74
C ASN B 40 27.30 -2.14 6.57
N SER B 41 27.97 -1.62 7.60
CA SER B 41 27.35 -0.68 8.51
C SER B 41 28.02 0.67 8.44
N ILE B 42 28.40 1.06 7.22
CA ILE B 42 29.02 2.34 6.99
C ILE B 42 27.98 3.44 7.10
N ALA B 43 28.17 4.35 8.06
CA ALA B 43 27.20 5.37 8.35
C ALA B 43 27.44 6.62 7.53
N GLU B 44 28.68 6.81 7.09
CA GLU B 44 29.02 8.04 6.37
C GLU B 44 30.22 7.85 5.45
N LEU B 45 30.12 8.42 4.26
CA LEU B 45 31.25 8.48 3.36
C LEU B 45 31.67 9.94 3.21
N ASN B 46 32.98 10.20 3.28
CA ASN B 46 33.51 11.55 3.06
C ASN B 46 34.76 11.50 2.17
N GLU B 47 35.43 12.64 2.01
CA GLU B 47 36.56 12.71 1.08
C GLU B 47 37.73 11.81 1.49
N THR B 48 37.86 11.53 2.78
CA THR B 48 38.96 10.68 3.25
C THR B 48 38.64 9.19 3.07
N SER B 49 37.38 8.88 2.74
CA SER B 49 36.96 7.49 2.55
C SER B 49 37.70 6.82 1.40
N PHE B 50 37.90 7.55 0.31
CA PHE B 50 38.56 6.94 -0.84
C PHE B 50 39.86 7.68 -1.20
N SER B 51 40.53 8.19 -0.17
CA SER B 51 41.81 8.88 -0.35
C SER B 51 42.87 7.95 -0.92
N ARG B 52 42.89 6.72 -0.44
CA ARG B 52 43.92 5.77 -0.82
C ARG B 52 43.45 4.78 -1.89
N LEU B 53 42.49 5.20 -2.71
CA LEU B 53 41.93 4.33 -3.75
C LEU B 53 41.59 5.08 -5.04
N GLN B 54 42.57 5.81 -5.57
CA GLN B 54 42.36 6.66 -6.75
C GLN B 54 42.29 5.90 -8.09
N ASP B 55 42.51 4.58 -8.09
CA ASP B 55 42.46 3.82 -9.34
C ASP B 55 41.09 3.18 -9.57
N LEU B 56 40.12 3.57 -8.75
CA LEU B 56 38.79 2.96 -8.77
C LEU B 56 38.07 3.16 -10.10
N GLN B 57 37.57 2.07 -10.67
CA GLN B 57 36.79 2.15 -11.91
C GLN B 57 35.33 1.76 -11.63
N PHE B 58 35.16 0.84 -10.67
CA PHE B 58 33.87 0.26 -10.35
C PHE B 58 33.73 0.12 -8.83
N LEU B 59 32.77 0.83 -8.26
CA LEU B 59 32.58 0.84 -6.81
C LEU B 59 31.13 0.57 -6.43
N LYS B 60 30.94 -0.37 -5.52
CA LYS B 60 29.62 -0.69 -4.99
C LYS B 60 29.57 -0.47 -3.48
N VAL B 61 28.61 0.34 -3.04
CA VAL B 61 28.33 0.47 -1.63
C VAL B 61 26.82 0.31 -1.45
N GLU B 62 26.29 -0.81 -1.92
CA GLU B 62 24.85 -1.05 -1.83
C GLU B 62 24.48 -1.42 -0.42
N GLN B 63 23.23 -1.12 -0.07
CA GLN B 63 22.55 -1.72 1.07
C GLN B 63 23.31 -1.66 2.38
N GLN B 64 23.73 -0.46 2.77
CA GLN B 64 24.27 -0.29 4.11
C GLN B 64 23.11 -0.30 5.08
N THR B 65 23.40 -0.29 6.39
CA THR B 65 22.33 -0.04 7.37
C THR B 65 21.67 1.30 7.03
N PRO B 66 20.38 1.47 7.40
CA PRO B 66 19.65 2.68 6.98
C PRO B 66 20.36 3.99 7.29
N GLY B 67 20.27 4.94 6.36
CA GLY B 67 20.69 6.31 6.62
C GLY B 67 22.09 6.74 6.22
N LEU B 68 22.73 6.00 5.31
CA LEU B 68 24.07 6.37 4.85
C LEU B 68 24.13 7.83 4.37
N VAL B 69 25.14 8.55 4.83
CA VAL B 69 25.36 9.93 4.42
C VAL B 69 26.58 10.07 3.50
N ILE B 70 26.41 10.70 2.35
CA ILE B 70 27.52 10.93 1.45
C ILE B 70 27.86 12.41 1.38
N ARG B 71 29.01 12.78 1.92
CA ARG B 71 29.43 14.18 2.00
C ARG B 71 29.98 14.71 0.67
N ASN B 72 30.03 16.03 0.59
CA ASN B 72 30.68 16.71 -0.52
C ASN B 72 32.06 16.12 -0.76
N ASN B 73 32.41 15.93 -2.03
CA ASN B 73 33.76 15.53 -2.44
C ASN B 73 34.18 14.13 -2.00
N THR B 74 33.21 13.30 -1.64
CA THR B 74 33.50 11.90 -1.30
C THR B 74 34.27 11.23 -2.43
N PHE B 75 33.93 11.53 -3.67
CA PHE B 75 34.54 10.85 -4.79
C PHE B 75 35.49 11.75 -5.56
N ARG B 76 35.82 12.90 -4.98
CA ARG B 76 36.76 13.81 -5.64
C ARG B 76 38.12 13.15 -5.72
N GLY B 77 38.66 13.07 -6.93
CA GLY B 77 39.93 12.39 -7.15
C GLY B 77 39.74 11.07 -7.84
N LEU B 78 38.51 10.54 -7.80
CA LEU B 78 38.22 9.28 -8.46
C LEU B 78 37.95 9.50 -9.95
N SER B 79 38.94 10.00 -10.67
CA SER B 79 38.80 10.36 -12.08
C SER B 79 38.72 9.15 -13.02
N SER B 80 38.94 7.95 -12.48
CA SER B 80 38.81 6.76 -13.30
C SER B 80 37.48 6.03 -13.04
N LEU B 81 36.67 6.57 -12.12
CA LEU B 81 35.43 5.89 -11.75
C LEU B 81 34.42 5.95 -12.90
N ILE B 82 33.98 4.76 -13.34
CA ILE B 82 33.07 4.63 -14.46
C ILE B 82 31.69 4.20 -14.00
N ILE B 83 31.66 3.29 -13.03
CA ILE B 83 30.40 2.75 -12.53
C ILE B 83 30.31 2.87 -11.01
N LEU B 84 29.22 3.45 -10.52
CA LEU B 84 29.01 3.64 -9.10
C LEU B 84 27.61 3.17 -8.69
N LYS B 85 27.54 2.13 -7.87
CA LYS B 85 26.25 1.58 -7.41
C LYS B 85 26.04 1.82 -5.93
N LEU B 86 24.91 2.44 -5.61
CA LEU B 86 24.60 2.82 -4.24
C LEU B 86 23.18 2.43 -3.85
N ASP B 87 22.66 1.40 -4.49
CA ASP B 87 21.26 0.99 -4.33
C ASP B 87 20.91 0.47 -2.92
N TYR B 88 19.62 0.51 -2.60
CA TYR B 88 19.03 -0.05 -1.38
C TYR B 88 19.60 0.59 -0.11
N ASN B 89 20.05 1.83 -0.22
CA ASN B 89 20.40 2.59 0.98
C ASN B 89 19.19 3.38 1.47
N GLN B 90 18.45 2.80 2.40
CA GLN B 90 17.24 3.45 2.91
C GLN B 90 17.57 4.77 3.58
N PHE B 91 16.80 5.80 3.21
CA PHE B 91 16.98 7.16 3.72
C PHE B 91 18.38 7.70 3.40
N LEU B 92 18.89 7.40 2.22
CA LEU B 92 20.19 7.91 1.77
C LEU B 92 20.23 9.43 1.81
N GLN B 93 21.30 9.96 2.40
CA GLN B 93 21.47 11.40 2.53
C GLN B 93 22.61 11.88 1.67
N LEU B 94 22.29 12.67 0.66
CA LEU B 94 23.28 13.20 -0.27
C LEU B 94 23.49 14.67 -0.05
N GLU B 95 24.72 15.07 0.26
CA GLU B 95 25.03 16.50 0.19
C GLU B 95 25.05 16.85 -1.30
N THR B 96 24.81 18.11 -1.63
CA THR B 96 24.60 18.46 -3.05
C THR B 96 25.87 18.33 -3.88
N GLY B 97 27.03 18.33 -3.22
CA GLY B 97 28.28 18.15 -3.93
C GLY B 97 28.82 16.74 -3.75
N ALA B 98 27.93 15.80 -3.47
CA ALA B 98 28.31 14.41 -3.20
C ALA B 98 29.04 13.79 -4.39
N PHE B 99 28.72 14.18 -5.61
CA PHE B 99 29.33 13.56 -6.78
C PHE B 99 30.36 14.46 -7.50
N ASN B 100 30.88 15.45 -6.79
CA ASN B 100 31.98 16.26 -7.32
C ASN B 100 33.15 15.38 -7.74
N GLY B 101 33.79 15.74 -8.83
CA GLY B 101 34.97 15.02 -9.30
C GLY B 101 34.72 13.81 -10.17
N LEU B 102 33.45 13.47 -10.41
CA LEU B 102 33.09 12.31 -11.22
C LEU B 102 32.76 12.67 -12.67
N ALA B 103 33.60 13.48 -13.29
CA ALA B 103 33.35 13.96 -14.65
C ALA B 103 33.35 12.83 -15.67
N ASN B 104 33.93 11.68 -15.33
CA ASN B 104 34.02 10.55 -16.26
C ASN B 104 33.03 9.42 -15.96
N LEU B 105 32.26 9.56 -14.88
CA LEU B 105 31.30 8.53 -14.53
C LEU B 105 30.30 8.31 -15.65
N GLU B 106 29.98 7.05 -15.93
CA GLU B 106 29.06 6.72 -17.03
C GLU B 106 27.79 6.07 -16.54
N VAL B 107 27.87 5.36 -15.42
CA VAL B 107 26.74 4.64 -14.85
C VAL B 107 26.54 4.96 -13.37
N LEU B 108 25.33 5.37 -13.02
CA LEU B 108 24.99 5.62 -11.62
C LEU B 108 23.65 4.97 -11.27
N THR B 109 23.64 4.15 -10.22
CA THR B 109 22.40 3.49 -9.83
C THR B 109 22.04 3.80 -8.37
N LEU B 110 20.81 4.25 -8.20
CA LEU B 110 20.31 4.75 -6.93
C LEU B 110 18.92 4.21 -6.66
N THR B 111 18.75 2.92 -6.87
CA THR B 111 17.44 2.30 -6.70
C THR B 111 17.07 2.13 -5.22
N GLN B 112 15.83 2.47 -4.89
CA GLN B 112 15.26 2.22 -3.56
C GLN B 112 16.04 2.92 -2.44
N CYS B 113 16.15 4.25 -2.55
CA CYS B 113 16.89 5.05 -1.61
C CYS B 113 16.05 6.17 -1.00
N ASN B 114 14.74 6.08 -1.14
CA ASN B 114 13.79 7.10 -0.66
C ASN B 114 14.08 8.49 -1.19
N LEU B 115 14.65 8.57 -2.39
CA LEU B 115 14.98 9.85 -2.99
C LEU B 115 13.75 10.47 -3.64
N ASP B 116 13.71 11.80 -3.75
CA ASP B 116 12.60 12.48 -4.42
C ASP B 116 13.08 13.22 -5.65
N GLY B 117 12.16 13.97 -6.25
CA GLY B 117 12.44 14.66 -7.50
C GLY B 117 13.58 15.65 -7.51
N ALA B 118 13.93 16.16 -6.34
CA ALA B 118 15.01 17.15 -6.25
C ALA B 118 16.35 16.55 -6.62
N VAL B 119 16.44 15.23 -6.65
CA VAL B 119 17.71 14.60 -7.02
C VAL B 119 17.95 14.84 -8.50
N LEU B 120 16.88 15.13 -9.24
CA LEU B 120 17.01 15.45 -10.67
C LEU B 120 17.03 16.96 -10.92
N SER B 121 16.34 17.72 -10.09
CA SER B 121 16.22 19.16 -10.32
C SER B 121 17.31 19.96 -9.61
N GLY B 122 17.87 19.38 -8.56
CA GLY B 122 18.97 19.99 -7.84
C GLY B 122 20.27 19.75 -8.57
N ASN B 123 21.38 20.15 -7.96
CA ASN B 123 22.69 20.08 -8.61
C ASN B 123 23.49 18.81 -8.33
N PHE B 124 22.80 17.81 -7.77
CA PHE B 124 23.43 16.54 -7.44
C PHE B 124 24.20 15.93 -8.62
N PHE B 125 23.59 15.95 -9.81
CA PHE B 125 24.16 15.27 -10.97
C PHE B 125 24.90 16.21 -11.92
N LYS B 126 25.04 17.47 -11.54
CA LYS B 126 25.77 18.44 -12.35
C LYS B 126 27.21 18.03 -12.67
N PRO B 127 27.95 17.43 -11.72
CA PRO B 127 29.32 17.04 -12.11
C PRO B 127 29.39 15.88 -13.09
N LEU B 128 28.28 15.20 -13.34
CA LEU B 128 28.30 13.98 -14.14
C LEU B 128 28.16 14.25 -15.64
N THR B 129 29.15 14.92 -16.22
CA THR B 129 29.02 15.34 -17.61
C THR B 129 29.15 14.17 -18.59
N SER B 130 29.76 13.07 -18.15
CA SER B 130 29.91 11.90 -19.03
C SER B 130 28.84 10.83 -18.79
N LEU B 131 27.90 11.09 -17.89
CA LEU B 131 26.88 10.09 -17.53
C LEU B 131 26.10 9.55 -18.74
N GLU B 132 25.93 8.24 -18.78
CA GLU B 132 25.22 7.61 -19.89
C GLU B 132 23.94 6.94 -19.38
N MET B 133 24.01 6.39 -18.17
CA MET B 133 22.94 5.58 -17.60
C MET B 133 22.65 5.95 -16.15
N LEU B 134 21.38 6.24 -15.88
CA LEU B 134 20.94 6.62 -14.54
C LEU B 134 19.76 5.73 -14.14
N VAL B 135 19.92 5.00 -13.04
CA VAL B 135 18.87 4.13 -12.55
C VAL B 135 18.30 4.65 -11.24
N LEU B 136 17.01 4.99 -11.24
CA LEU B 136 16.37 5.58 -10.07
C LEU B 136 15.08 4.84 -9.69
N ARG B 137 15.10 3.52 -9.82
CA ARG B 137 13.91 2.73 -9.54
C ARG B 137 13.45 2.85 -8.09
N ASP B 138 12.13 2.82 -7.92
CA ASP B 138 11.52 2.57 -6.62
C ASP B 138 11.93 3.58 -5.57
N ASN B 139 11.90 4.85 -5.97
CA ASN B 139 12.12 5.94 -5.03
C ASN B 139 10.83 6.72 -4.81
N ASN B 140 10.96 7.96 -4.36
CA ASN B 140 9.80 8.79 -4.09
C ASN B 140 9.69 9.95 -5.05
N ILE B 141 9.99 9.69 -6.31
CA ILE B 141 9.99 10.75 -7.31
C ILE B 141 8.57 10.98 -7.85
N LYS B 142 8.04 12.17 -7.60
CA LYS B 142 6.64 12.49 -7.91
C LYS B 142 6.52 13.24 -9.25
N LYS B 143 7.61 13.88 -9.63
CA LYS B 143 7.68 14.62 -10.89
C LYS B 143 9.09 14.55 -11.47
N ILE B 144 9.18 14.42 -12.79
CA ILE B 144 10.46 14.26 -13.45
C ILE B 144 10.87 15.61 -14.02
N GLN B 145 11.78 16.28 -13.34
CA GLN B 145 12.11 17.66 -13.70
C GLN B 145 13.60 17.93 -13.74
N PRO B 146 14.27 17.40 -14.77
CA PRO B 146 15.73 17.56 -14.90
C PRO B 146 16.17 19.02 -15.00
N ALA B 147 17.23 19.35 -14.28
CA ALA B 147 17.80 20.69 -14.30
C ALA B 147 18.42 21.00 -15.65
N SER B 148 18.79 22.27 -15.88
CA SER B 148 19.23 22.67 -17.21
C SER B 148 20.56 22.04 -17.63
N PHE B 149 21.40 21.62 -16.68
CA PHE B 149 22.71 21.07 -17.04
C PHE B 149 22.59 19.77 -17.82
N PHE B 150 21.43 19.13 -17.75
CA PHE B 150 21.19 17.91 -18.52
C PHE B 150 21.27 18.14 -20.03
N LEU B 151 21.08 19.39 -20.46
CA LEU B 151 21.21 19.74 -21.87
C LEU B 151 22.62 19.47 -22.37
N ASN B 152 23.60 19.59 -21.48
CA ASN B 152 25.00 19.45 -21.88
C ASN B 152 25.56 18.06 -21.63
N MET B 153 24.73 17.18 -21.08
CA MET B 153 25.13 15.79 -20.89
C MET B 153 24.90 15.05 -22.21
N ARG B 154 25.88 15.12 -23.11
CA ARG B 154 25.72 14.69 -24.49
C ARG B 154 25.65 13.17 -24.70
N ARG B 155 25.99 12.39 -23.69
CA ARG B 155 25.99 10.94 -23.86
C ARG B 155 24.97 10.26 -22.96
N PHE B 156 24.11 11.06 -22.34
CA PHE B 156 23.04 10.53 -21.49
C PHE B 156 21.92 9.95 -22.32
N HIS B 157 21.73 8.64 -22.27
CA HIS B 157 20.75 7.99 -23.15
C HIS B 157 19.96 6.87 -22.50
N VAL B 158 20.15 6.62 -21.21
CA VAL B 158 19.37 5.60 -20.49
C VAL B 158 18.89 6.08 -19.12
N LEU B 159 17.58 6.05 -18.91
CA LEU B 159 16.96 6.46 -17.66
C LEU B 159 15.88 5.47 -17.24
N ASP B 160 15.96 4.99 -16.00
CA ASP B 160 14.99 4.03 -15.48
C ASP B 160 14.31 4.57 -14.22
N LEU B 161 13.00 4.87 -14.31
CA LEU B 161 12.26 5.45 -13.19
C LEU B 161 11.12 4.53 -12.69
N THR B 162 11.19 3.27 -13.06
CA THR B 162 10.22 2.23 -12.66
C THR B 162 9.92 2.24 -11.15
N PHE B 163 8.63 2.12 -10.81
CA PHE B 163 8.10 2.06 -9.44
C PHE B 163 8.19 3.36 -8.66
N ASN B 164 8.35 4.48 -9.35
CA ASN B 164 8.12 5.78 -8.74
C ASN B 164 6.68 6.20 -8.96
N LYS B 165 6.02 6.74 -7.95
CA LYS B 165 4.65 7.23 -8.11
C LYS B 165 4.63 8.59 -8.79
N VAL B 166 4.85 8.60 -10.10
CA VAL B 166 4.90 9.84 -10.84
C VAL B 166 3.50 10.38 -11.06
N LYS B 167 3.27 11.61 -10.63
CA LYS B 167 1.94 12.23 -10.73
C LYS B 167 1.50 12.38 -12.17
N SER B 168 2.41 12.92 -12.98
CA SER B 168 2.17 13.23 -14.38
C SER B 168 3.51 13.57 -15.05
N ILE B 169 3.54 13.51 -16.37
CA ILE B 169 4.71 13.95 -17.14
C ILE B 169 4.26 14.91 -18.23
N CYS B 170 4.84 16.11 -18.24
CA CYS B 170 4.43 17.11 -19.20
C CYS B 170 5.61 17.79 -19.86
N GLU B 171 5.32 18.56 -20.91
CA GLU B 171 6.33 19.20 -21.73
C GLU B 171 7.30 20.02 -20.88
N GLU B 172 6.75 20.84 -19.99
CA GLU B 172 7.59 21.75 -19.20
C GLU B 172 8.45 20.96 -18.21
N ASP B 173 7.99 19.79 -17.78
CA ASP B 173 8.77 18.93 -16.90
C ASP B 173 10.05 18.45 -17.57
N LEU B 174 9.93 17.98 -18.80
CA LEU B 174 11.03 17.31 -19.51
C LEU B 174 11.78 18.25 -20.46
N LEU B 175 11.56 19.56 -20.28
CA LEU B 175 12.16 20.59 -21.12
C LEU B 175 13.64 20.35 -21.39
N ASN B 176 14.36 19.94 -20.36
CA ASN B 176 15.81 19.79 -20.46
C ASN B 176 16.25 18.42 -20.98
N PHE B 177 15.28 17.57 -21.33
CA PHE B 177 15.58 16.33 -22.05
C PHE B 177 15.41 16.52 -23.56
N GLN B 178 14.85 17.66 -23.97
CA GLN B 178 14.63 17.92 -25.39
C GLN B 178 15.94 17.90 -26.16
N GLY B 179 15.95 17.26 -27.31
CA GLY B 179 17.16 17.16 -28.12
C GLY B 179 17.88 15.85 -27.88
N LYS B 180 17.49 15.15 -26.82
CA LYS B 180 18.16 13.91 -26.48
C LYS B 180 17.58 12.72 -27.24
N HIS B 181 18.42 11.71 -27.46
CA HIS B 181 17.94 10.41 -27.91
C HIS B 181 18.20 9.34 -26.86
N PHE B 182 17.12 8.82 -26.29
CA PHE B 182 17.22 7.71 -25.35
C PHE B 182 17.18 6.39 -26.07
N THR B 183 18.09 5.48 -25.74
CA THR B 183 17.98 4.13 -26.25
C THR B 183 16.96 3.36 -25.40
N LEU B 184 16.88 3.74 -24.12
CA LEU B 184 15.90 3.16 -23.21
C LEU B 184 15.37 4.22 -22.26
N LEU B 185 14.08 4.45 -22.35
CA LEU B 185 13.41 5.29 -21.38
C LEU B 185 12.36 4.42 -20.70
N ARG B 186 12.66 3.98 -19.48
CA ARG B 186 11.78 3.06 -18.81
C ARG B 186 10.89 3.79 -17.81
N LEU B 187 9.62 3.90 -18.16
CA LEU B 187 8.63 4.56 -17.32
C LEU B 187 7.56 3.54 -16.92
N SER B 188 8.01 2.43 -16.36
CA SER B 188 7.15 1.30 -16.05
C SER B 188 6.58 1.42 -14.64
N SER B 189 5.30 1.09 -14.48
CA SER B 189 4.64 1.12 -13.18
C SER B 189 4.87 2.40 -12.41
N ILE B 190 4.60 3.53 -13.05
CA ILE B 190 4.75 4.82 -12.40
C ILE B 190 3.39 5.48 -12.14
N THR B 191 2.32 4.74 -12.40
CA THR B 191 0.92 5.08 -12.08
C THR B 191 0.35 6.28 -12.86
N LEU B 192 1.01 7.43 -12.82
CA LEU B 192 0.52 8.63 -13.50
C LEU B 192 -0.94 8.93 -13.14
N GLN B 193 -1.25 8.93 -11.84
CA GLN B 193 -2.62 9.03 -11.34
C GLN B 193 -3.34 10.32 -11.79
N ASP B 194 -2.61 11.42 -11.87
CA ASP B 194 -3.23 12.68 -12.25
C ASP B 194 -3.64 12.73 -13.73
N MET B 195 -2.96 11.97 -14.58
CA MET B 195 -3.28 11.99 -16.01
C MET B 195 -4.46 11.07 -16.33
N ASN B 196 -5.60 11.32 -15.71
CA ASN B 196 -6.79 10.53 -15.99
C ASN B 196 -7.65 11.28 -17.01
N GLU B 197 -8.73 10.66 -17.46
CA GLU B 197 -9.55 11.20 -18.55
C GLU B 197 -10.23 12.54 -18.21
N TYR B 198 -10.30 12.86 -16.93
CA TYR B 198 -10.98 14.07 -16.47
C TYR B 198 -10.02 15.24 -16.25
N TRP B 199 -8.73 14.95 -16.24
CA TRP B 199 -7.70 15.91 -15.89
C TRP B 199 -7.80 17.18 -16.73
N LEU B 200 -7.85 18.35 -16.08
CA LEU B 200 -7.89 19.63 -16.80
C LEU B 200 -6.52 20.01 -17.37
N GLY B 201 -5.48 19.30 -16.97
CA GLY B 201 -4.13 19.67 -17.37
C GLY B 201 -3.68 19.15 -18.72
N TRP B 202 -4.54 18.39 -19.40
CA TRP B 202 -4.15 17.73 -20.65
C TRP B 202 -3.67 18.69 -21.73
N GLU B 203 -4.42 19.77 -21.97
CA GLU B 203 -4.03 20.73 -23.00
C GLU B 203 -2.71 21.43 -22.65
N LYS B 204 -2.60 21.90 -21.42
CA LYS B 204 -1.39 22.53 -20.92
C LYS B 204 -0.19 21.58 -20.90
N CYS B 205 -0.46 20.28 -20.82
CA CYS B 205 0.59 19.28 -20.74
C CYS B 205 1.47 19.28 -21.99
N GLY B 206 0.88 19.58 -23.14
CA GLY B 206 1.60 19.57 -24.39
C GLY B 206 2.23 18.23 -24.68
N ASN B 207 3.43 18.26 -25.24
CA ASN B 207 4.18 17.05 -25.57
C ASN B 207 5.40 16.86 -24.68
N PRO B 208 5.33 15.92 -23.73
CA PRO B 208 6.48 15.64 -22.85
C PRO B 208 7.72 15.18 -23.62
N PHE B 209 7.55 14.56 -24.79
CA PHE B 209 8.69 14.06 -25.55
C PHE B 209 9.04 14.93 -26.77
N LYS B 210 8.73 16.21 -26.70
CA LYS B 210 9.07 17.17 -27.75
C LYS B 210 10.57 17.15 -28.05
N ASN B 211 10.92 17.15 -29.34
CA ASN B 211 12.33 17.18 -29.79
C ASN B 211 13.13 16.06 -29.13
N THR B 212 12.49 14.93 -28.88
CA THR B 212 13.13 13.79 -28.22
C THR B 212 12.81 12.50 -28.95
N SER B 213 13.83 11.68 -29.19
CA SER B 213 13.58 10.40 -29.82
C SER B 213 13.95 9.27 -28.87
N ILE B 214 13.29 8.13 -29.03
CA ILE B 214 13.43 7.02 -28.11
C ILE B 214 13.46 5.70 -28.87
N THR B 215 14.47 4.87 -28.61
CA THR B 215 14.48 3.55 -29.20
C THR B 215 13.45 2.67 -28.49
N THR B 216 13.65 2.46 -27.19
CA THR B 216 12.68 1.69 -26.41
C THR B 216 11.99 2.56 -25.37
N LEU B 217 10.69 2.75 -25.58
CA LEU B 217 9.84 3.43 -24.60
C LEU B 217 9.03 2.37 -23.83
N ASP B 218 9.36 2.18 -22.55
CA ASP B 218 8.71 1.20 -21.72
C ASP B 218 7.65 1.88 -20.85
N LEU B 219 6.38 1.69 -21.20
CA LEU B 219 5.28 2.27 -20.45
C LEU B 219 4.38 1.19 -19.84
N SER B 220 4.97 0.03 -19.56
CA SER B 220 4.23 -1.09 -19.02
C SER B 220 3.74 -0.86 -17.58
N GLY B 221 2.70 -1.60 -17.18
CA GLY B 221 2.22 -1.63 -15.82
C GLY B 221 1.56 -0.37 -15.31
N ASN B 222 0.99 0.40 -16.23
CA ASN B 222 0.41 1.69 -15.91
C ASN B 222 -1.10 1.79 -16.14
N GLY B 223 -1.77 0.65 -16.27
CA GLY B 223 -3.21 0.70 -16.47
C GLY B 223 -3.61 1.04 -17.90
N PHE B 224 -3.35 2.29 -18.31
CA PHE B 224 -3.62 2.76 -19.67
C PHE B 224 -4.99 2.33 -20.20
N LYS B 225 -6.01 2.73 -19.47
CA LYS B 225 -7.38 2.73 -19.94
C LYS B 225 -7.43 3.37 -21.34
N GLU B 226 -8.29 2.84 -22.20
CA GLU B 226 -8.36 3.28 -23.59
C GLU B 226 -8.42 4.80 -23.71
N SER B 227 -9.28 5.41 -22.89
CA SER B 227 -9.47 6.85 -22.89
C SER B 227 -8.20 7.60 -22.45
N MET B 228 -7.40 6.96 -21.60
CA MET B 228 -6.16 7.56 -21.17
C MET B 228 -5.08 7.37 -22.22
N ALA B 229 -4.99 6.15 -22.73
CA ALA B 229 -4.02 5.82 -23.77
C ALA B 229 -4.17 6.76 -24.97
N LYS B 230 -5.40 6.95 -25.42
CA LYS B 230 -5.68 7.81 -26.57
C LYS B 230 -5.17 9.24 -26.35
N ARG B 231 -5.44 9.79 -25.17
CA ARG B 231 -5.04 11.14 -24.83
C ARG B 231 -3.52 11.27 -24.69
N PHE B 232 -2.91 10.22 -24.17
CA PHE B 232 -1.46 10.22 -23.96
C PHE B 232 -0.73 10.21 -25.30
N PHE B 233 -1.15 9.31 -26.18
CA PHE B 233 -0.48 9.18 -27.48
C PHE B 233 -0.85 10.34 -28.41
N ASP B 234 -2.00 10.96 -28.20
CA ASP B 234 -2.29 12.22 -28.89
C ASP B 234 -1.28 13.29 -28.46
N ALA B 235 -0.96 13.31 -27.17
CA ALA B 235 -0.05 14.31 -26.65
C ALA B 235 1.36 14.14 -27.22
N ILE B 236 1.83 12.90 -27.32
CA ILE B 236 3.20 12.69 -27.79
C ILE B 236 3.26 12.38 -29.29
N ALA B 237 2.21 12.76 -30.01
CA ALA B 237 2.12 12.51 -31.44
C ALA B 237 3.36 12.99 -32.20
N GLY B 238 3.92 12.12 -33.03
CA GLY B 238 5.10 12.49 -33.81
C GLY B 238 6.40 12.06 -33.17
N THR B 239 6.36 11.63 -31.91
CA THR B 239 7.57 11.19 -31.24
C THR B 239 8.10 9.92 -31.89
N LYS B 240 9.34 9.97 -32.37
CA LYS B 240 9.95 8.80 -33.01
C LYS B 240 10.32 7.74 -31.98
N ILE B 241 9.63 6.61 -32.06
CA ILE B 241 9.79 5.48 -31.14
C ILE B 241 9.97 4.21 -31.94
N GLN B 242 11.00 3.43 -31.65
CA GLN B 242 11.23 2.19 -32.38
C GLN B 242 10.52 1.01 -31.74
N SER B 243 10.60 0.92 -30.41
CA SER B 243 9.95 -0.17 -29.69
C SER B 243 9.07 0.36 -28.56
N LEU B 244 7.79 0.00 -28.61
CA LEU B 244 6.83 0.44 -27.61
C LEU B 244 6.35 -0.73 -26.74
N ILE B 245 6.60 -0.63 -25.44
CA ILE B 245 6.21 -1.68 -24.50
C ILE B 245 5.04 -1.21 -23.63
N LEU B 246 3.91 -1.87 -23.82
CA LEU B 246 2.67 -1.55 -23.10
C LEU B 246 2.09 -2.78 -22.45
N SER B 247 2.96 -3.70 -22.05
CA SER B 247 2.51 -4.90 -21.36
C SER B 247 1.94 -4.56 -19.99
N ASN B 248 1.11 -5.43 -19.44
CA ASN B 248 0.48 -5.20 -18.14
C ASN B 248 -0.26 -3.87 -18.07
N SER B 249 -0.91 -3.48 -19.16
CA SER B 249 -1.80 -2.35 -19.10
C SER B 249 -3.12 -2.89 -18.58
N TYR B 250 -3.26 -2.91 -17.26
CA TYR B 250 -4.34 -3.63 -16.62
C TYR B 250 -5.72 -3.02 -16.86
N ASN B 251 -5.77 -1.78 -17.34
CA ASN B 251 -7.03 -1.15 -17.68
C ASN B 251 -7.32 -1.15 -19.19
N MET B 252 -6.35 -1.59 -19.98
CA MET B 252 -6.48 -1.61 -21.43
C MET B 252 -7.28 -2.83 -21.88
N GLY B 253 -8.43 -2.59 -22.51
CA GLY B 253 -9.30 -3.66 -22.97
C GLY B 253 -10.52 -3.83 -22.07
N SER B 254 -11.56 -4.47 -22.60
CA SER B 254 -12.82 -4.63 -21.91
C SER B 254 -12.94 -5.94 -21.13
N SER B 255 -11.94 -6.80 -21.31
CA SER B 255 -11.83 -8.11 -20.65
C SER B 255 -12.97 -9.08 -21.03
N PHE B 256 -12.74 -10.36 -20.75
CA PHE B 256 -13.78 -11.38 -20.87
C PHE B 256 -14.65 -11.20 -19.64
N GLY B 257 -15.85 -10.67 -19.82
CA GLY B 257 -16.70 -10.39 -18.68
C GLY B 257 -17.10 -8.93 -18.73
N HIS B 258 -17.69 -8.45 -17.65
CA HIS B 258 -18.28 -7.11 -17.64
C HIS B 258 -17.25 -6.01 -17.84
N THR B 259 -16.83 -5.39 -16.73
CA THR B 259 -15.92 -4.24 -16.72
C THR B 259 -16.43 -3.02 -17.50
N ASN B 260 -16.37 -1.86 -16.87
CA ASN B 260 -16.82 -0.62 -17.48
C ASN B 260 -15.89 -0.12 -18.60
N PHE B 261 -14.85 -0.89 -18.90
CA PHE B 261 -13.80 -0.44 -19.81
C PHE B 261 -14.02 -0.89 -21.24
N LYS B 262 -13.34 -0.24 -22.17
CA LYS B 262 -13.50 -0.50 -23.59
C LYS B 262 -12.22 -1.08 -24.20
N ASP B 263 -12.37 -1.81 -25.30
CA ASP B 263 -11.23 -2.21 -26.10
C ASP B 263 -10.76 -1.01 -26.91
N PRO B 264 -9.47 -0.98 -27.27
CA PRO B 264 -8.99 0.10 -28.14
C PRO B 264 -9.63 0.06 -29.51
N ASP B 265 -9.76 1.20 -30.16
CA ASP B 265 -10.30 1.27 -31.52
C ASP B 265 -9.35 2.00 -32.47
N ASN B 266 -9.85 2.41 -33.63
CA ASN B 266 -9.00 3.00 -34.65
C ASN B 266 -8.45 4.36 -34.27
N PHE B 267 -8.95 4.94 -33.17
CA PHE B 267 -8.47 6.24 -32.72
C PHE B 267 -7.45 6.16 -31.59
N THR B 268 -7.41 5.03 -30.90
CA THR B 268 -6.63 4.89 -29.67
C THR B 268 -5.14 5.16 -29.89
N PHE B 269 -4.57 4.59 -30.93
CA PHE B 269 -3.14 4.71 -31.15
C PHE B 269 -2.80 5.62 -32.32
N LYS B 270 -3.74 6.49 -32.70
CA LYS B 270 -3.54 7.38 -33.84
C LYS B 270 -2.32 8.28 -33.69
N GLY B 271 -2.03 8.68 -32.46
CA GLY B 271 -0.92 9.57 -32.19
C GLY B 271 0.44 9.00 -32.57
N LEU B 272 0.50 7.70 -32.78
CA LEU B 272 1.76 7.03 -33.10
C LEU B 272 1.96 6.86 -34.60
N GLU B 273 1.05 7.45 -35.38
CA GLU B 273 1.07 7.39 -36.85
C GLU B 273 2.45 7.69 -37.44
N ALA B 274 3.09 8.75 -36.94
CA ALA B 274 4.36 9.21 -37.47
C ALA B 274 5.51 8.88 -36.53
N SER B 275 5.35 7.81 -35.74
CA SER B 275 6.33 7.46 -34.71
C SER B 275 7.39 6.48 -35.23
N GLY B 276 7.09 5.79 -36.32
CA GLY B 276 8.00 4.83 -36.91
C GLY B 276 8.20 3.60 -36.05
N VAL B 277 7.15 3.19 -35.34
CA VAL B 277 7.23 2.04 -34.45
C VAL B 277 7.48 0.74 -35.23
N LYS B 278 8.47 -0.03 -34.78
CA LYS B 278 8.82 -1.30 -35.42
C LYS B 278 8.32 -2.51 -34.60
N THR B 279 8.34 -2.39 -33.27
CA THR B 279 7.82 -3.45 -32.41
C THR B 279 6.87 -2.91 -31.34
N CYS B 280 5.78 -3.63 -31.11
CA CYS B 280 4.81 -3.18 -30.12
C CYS B 280 4.38 -4.35 -29.25
N ASP B 281 4.49 -4.18 -27.93
CA ASP B 281 4.15 -5.21 -26.95
C ASP B 281 2.90 -4.79 -26.18
N LEU B 282 1.80 -5.50 -26.40
CA LEU B 282 0.55 -5.22 -25.69
C LEU B 282 0.14 -6.43 -24.86
N SER B 283 1.12 -7.23 -24.48
CA SER B 283 0.86 -8.47 -23.76
C SER B 283 0.42 -8.24 -22.30
N LYS B 284 -0.14 -9.29 -21.70
CA LYS B 284 -0.53 -9.26 -20.30
C LYS B 284 -1.49 -8.12 -19.97
N SER B 285 -2.36 -7.79 -20.91
CA SER B 285 -3.39 -6.79 -20.68
C SER B 285 -4.74 -7.48 -20.68
N LYS B 286 -5.81 -6.75 -20.96
CA LYS B 286 -7.14 -7.33 -20.82
C LYS B 286 -8.02 -7.05 -22.04
N ILE B 287 -7.41 -7.05 -23.21
CA ILE B 287 -8.13 -6.84 -24.46
C ILE B 287 -8.99 -8.06 -24.80
N PHE B 288 -10.24 -7.80 -25.14
CA PHE B 288 -11.21 -8.83 -25.45
C PHE B 288 -11.48 -8.95 -26.96
N ALA B 289 -11.55 -7.82 -27.64
CA ALA B 289 -11.82 -7.81 -29.07
C ALA B 289 -10.87 -6.90 -29.85
N LEU B 290 -10.43 -7.37 -31.01
CA LEU B 290 -9.66 -6.52 -31.91
C LEU B 290 -10.59 -5.87 -32.93
N LEU B 291 -10.77 -4.56 -32.77
CA LEU B 291 -11.73 -3.80 -33.58
C LEU B 291 -11.07 -3.38 -34.89
N LYS B 292 -11.88 -2.90 -35.84
CA LYS B 292 -11.36 -2.60 -37.16
C LYS B 292 -10.33 -1.46 -37.14
N SER B 293 -9.26 -1.62 -37.92
CA SER B 293 -8.22 -0.62 -38.07
C SER B 293 -7.55 -0.15 -36.76
N VAL B 294 -7.65 -0.96 -35.70
CA VAL B 294 -7.07 -0.58 -34.42
C VAL B 294 -5.55 -0.41 -34.51
N PHE B 295 -4.92 -1.14 -35.42
CA PHE B 295 -3.48 -1.02 -35.61
C PHE B 295 -3.13 -0.32 -36.92
N SER B 296 -4.11 0.37 -37.50
CA SER B 296 -3.93 0.93 -38.84
C SER B 296 -2.94 2.08 -38.89
N HIS B 297 -2.50 2.55 -37.72
CA HIS B 297 -1.53 3.64 -37.69
C HIS B 297 -0.11 3.15 -37.46
N PHE B 298 0.05 1.84 -37.26
CA PHE B 298 1.37 1.24 -37.12
C PHE B 298 1.84 0.69 -38.46
N THR B 299 1.99 1.58 -39.44
CA THR B 299 2.29 1.14 -40.82
C THR B 299 3.73 0.69 -41.00
N ASP B 300 4.57 0.90 -39.99
CA ASP B 300 5.95 0.46 -40.05
C ASP B 300 6.20 -0.75 -39.16
N LEU B 301 5.17 -1.18 -38.46
CA LEU B 301 5.30 -2.22 -37.43
C LEU B 301 5.76 -3.55 -38.02
N GLU B 302 6.73 -4.19 -37.37
CA GLU B 302 7.25 -5.47 -37.80
C GLU B 302 6.92 -6.60 -36.82
N GLN B 303 6.81 -6.28 -35.53
CA GLN B 303 6.47 -7.27 -34.52
C GLN B 303 5.42 -6.75 -33.55
N LEU B 304 4.42 -7.59 -33.30
CA LEU B 304 3.31 -7.22 -32.43
C LEU B 304 2.91 -8.40 -31.58
N THR B 305 2.99 -8.26 -30.26
CA THR B 305 2.49 -9.31 -29.39
C THR B 305 1.25 -8.88 -28.61
N LEU B 306 0.24 -9.73 -28.64
CA LEU B 306 -1.00 -9.50 -27.89
C LEU B 306 -1.18 -10.66 -26.93
N ALA B 307 -0.08 -11.35 -26.65
CA ALA B 307 -0.09 -12.53 -25.82
C ALA B 307 -0.68 -12.26 -24.44
N GLN B 308 -1.27 -13.30 -23.85
CA GLN B 308 -1.80 -13.24 -22.49
C GLN B 308 -2.79 -12.10 -22.27
N ASN B 309 -3.69 -11.93 -23.23
CA ASN B 309 -4.81 -11.04 -23.02
C ASN B 309 -6.06 -11.87 -22.78
N GLU B 310 -7.21 -11.35 -23.16
CA GLU B 310 -8.44 -12.13 -23.05
C GLU B 310 -9.20 -12.11 -24.36
N ILE B 311 -8.44 -12.19 -25.46
CA ILE B 311 -8.98 -12.02 -26.80
C ILE B 311 -9.85 -13.19 -27.21
N ASN B 312 -11.13 -12.90 -27.41
CA ASN B 312 -12.09 -13.92 -27.86
C ASN B 312 -12.61 -13.64 -29.27
N LYS B 313 -12.54 -12.38 -29.70
CA LYS B 313 -13.12 -11.99 -30.97
C LYS B 313 -12.13 -11.14 -31.76
N ILE B 314 -12.00 -11.45 -33.04
CA ILE B 314 -11.20 -10.64 -33.95
C ILE B 314 -12.09 -10.17 -35.10
N ASP B 315 -12.45 -8.90 -35.10
CA ASP B 315 -13.36 -8.37 -36.10
C ASP B 315 -12.71 -8.27 -37.48
N ASP B 316 -13.54 -8.09 -38.49
CA ASP B 316 -13.06 -7.87 -39.85
C ASP B 316 -12.14 -6.64 -39.89
N ASN B 317 -11.06 -6.76 -40.66
CA ASN B 317 -10.10 -5.68 -40.86
C ASN B 317 -9.45 -5.21 -39.57
N ALA B 318 -9.28 -6.13 -38.62
CA ALA B 318 -8.62 -5.80 -37.36
C ALA B 318 -7.15 -5.48 -37.59
N PHE B 319 -6.58 -6.07 -38.64
CA PHE B 319 -5.15 -5.89 -38.90
C PHE B 319 -4.87 -5.02 -40.12
N TRP B 320 -5.89 -4.29 -40.58
CA TRP B 320 -5.74 -3.39 -41.71
C TRP B 320 -4.65 -2.34 -41.47
N GLY B 321 -3.79 -2.14 -42.47
CA GLY B 321 -2.74 -1.14 -42.40
C GLY B 321 -1.40 -1.67 -41.96
N LEU B 322 -1.37 -2.92 -41.51
CA LEU B 322 -0.12 -3.53 -41.05
C LEU B 322 0.63 -4.15 -42.22
N THR B 323 0.98 -3.31 -43.18
CA THR B 323 1.60 -3.78 -44.43
C THR B 323 3.00 -4.35 -44.26
N HIS B 324 3.64 -4.09 -43.12
CA HIS B 324 5.02 -4.54 -42.90
C HIS B 324 5.16 -5.60 -41.80
N LEU B 325 4.06 -5.96 -41.15
CA LEU B 325 4.12 -6.88 -40.02
C LEU B 325 4.67 -8.24 -40.42
N LEU B 326 5.63 -8.73 -39.65
CA LEU B 326 6.29 -10.01 -39.93
C LEU B 326 5.93 -11.05 -38.87
N LYS B 327 5.59 -10.59 -37.67
CA LYS B 327 5.35 -11.48 -36.55
C LYS B 327 4.13 -11.07 -35.71
N LEU B 328 3.24 -12.01 -35.48
CA LEU B 328 2.03 -11.77 -34.69
C LEU B 328 1.91 -12.82 -33.59
N ASN B 329 1.97 -12.39 -32.34
CA ASN B 329 1.84 -13.31 -31.21
C ASN B 329 0.48 -13.17 -30.53
N LEU B 330 -0.36 -14.20 -30.69
CA LEU B 330 -1.68 -14.23 -30.07
C LEU B 330 -1.79 -15.38 -29.08
N SER B 331 -0.64 -15.87 -28.62
CA SER B 331 -0.60 -16.99 -27.68
C SER B 331 -1.26 -16.64 -26.35
N GLN B 332 -1.84 -17.66 -25.72
CA GLN B 332 -2.49 -17.53 -24.41
C GLN B 332 -3.63 -16.53 -24.44
N ASN B 333 -4.62 -16.79 -25.28
CA ASN B 333 -5.85 -16.01 -25.30
C ASN B 333 -7.06 -16.94 -25.26
N PHE B 334 -8.20 -16.44 -25.71
CA PHE B 334 -9.44 -17.22 -25.66
C PHE B 334 -10.10 -17.34 -27.02
N LEU B 335 -9.30 -17.52 -28.06
CA LEU B 335 -9.83 -17.73 -29.40
C LEU B 335 -10.57 -19.06 -29.44
N GLY B 336 -11.80 -19.05 -29.95
CA GLY B 336 -12.59 -20.26 -30.06
C GLY B 336 -12.45 -20.93 -31.42
N SER B 337 -12.33 -20.11 -32.46
CA SER B 337 -12.19 -20.63 -33.81
C SER B 337 -11.45 -19.65 -34.72
N ILE B 338 -10.89 -20.19 -35.79
CA ILE B 338 -10.18 -19.39 -36.78
C ILE B 338 -11.02 -19.38 -38.05
N ASP B 339 -11.18 -18.22 -38.66
CA ASP B 339 -11.87 -18.14 -39.95
C ASP B 339 -11.06 -17.32 -40.94
N SER B 340 -11.51 -17.33 -42.19
CA SER B 340 -10.80 -16.71 -43.31
C SER B 340 -10.56 -15.21 -43.15
N ARG B 341 -11.56 -14.51 -42.64
CA ARG B 341 -11.49 -13.05 -42.51
C ARG B 341 -10.44 -12.58 -41.51
N MET B 342 -10.21 -13.36 -40.46
CA MET B 342 -9.45 -12.89 -39.30
C MET B 342 -8.04 -12.40 -39.59
N PHE B 343 -7.34 -13.08 -40.49
CA PHE B 343 -5.93 -12.76 -40.73
C PHE B 343 -5.67 -12.12 -42.08
N GLU B 344 -6.66 -11.40 -42.59
CA GLU B 344 -6.48 -10.58 -43.79
C GLU B 344 -5.54 -9.41 -43.46
N ASN B 345 -4.99 -8.80 -44.52
CA ASN B 345 -4.11 -7.64 -44.39
C ASN B 345 -2.80 -7.94 -43.69
N LEU B 346 -2.32 -9.19 -43.85
CA LEU B 346 -1.05 -9.60 -43.26
C LEU B 346 -0.21 -10.39 -44.27
N ASP B 347 -0.13 -9.88 -45.50
CA ASP B 347 0.53 -10.60 -46.59
C ASP B 347 2.00 -10.92 -46.32
N LYS B 348 2.67 -10.04 -45.58
CA LYS B 348 4.10 -10.21 -45.35
C LYS B 348 4.41 -10.98 -44.07
N LEU B 349 3.37 -11.45 -43.39
CA LEU B 349 3.53 -12.16 -42.12
C LEU B 349 4.37 -13.42 -42.26
N GLU B 350 5.30 -13.62 -41.33
CA GLU B 350 6.19 -14.77 -41.37
C GLU B 350 6.03 -15.68 -40.16
N VAL B 351 5.58 -15.11 -39.04
CA VAL B 351 5.40 -15.89 -37.82
C VAL B 351 4.06 -15.60 -37.15
N LEU B 352 3.27 -16.66 -36.94
CA LEU B 352 1.98 -16.53 -36.28
C LEU B 352 1.85 -17.55 -35.16
N ASP B 353 1.72 -17.06 -33.93
CA ASP B 353 1.60 -17.92 -32.75
C ASP B 353 0.16 -17.92 -32.25
N LEU B 354 -0.50 -19.06 -32.39
CA LEU B 354 -1.89 -19.22 -31.95
C LEU B 354 -1.99 -20.28 -30.85
N SER B 355 -0.86 -20.60 -30.24
CA SER B 355 -0.79 -21.60 -29.18
C SER B 355 -1.52 -21.17 -27.91
N TYR B 356 -1.87 -22.16 -27.08
CA TYR B 356 -2.53 -21.92 -25.81
C TYR B 356 -3.81 -21.11 -25.93
N ASN B 357 -4.73 -21.59 -26.76
CA ASN B 357 -6.03 -20.95 -26.89
C ASN B 357 -7.11 -22.00 -26.63
N HIS B 358 -8.34 -21.72 -27.04
CA HIS B 358 -9.43 -22.69 -26.91
C HIS B 358 -9.98 -23.03 -28.29
N ILE B 359 -9.10 -23.04 -29.28
CA ILE B 359 -9.52 -23.23 -30.66
C ILE B 359 -10.03 -24.65 -30.89
N ARG B 360 -11.29 -24.74 -31.33
CA ARG B 360 -11.93 -26.03 -31.56
C ARG B 360 -12.23 -26.25 -33.03
N ALA B 361 -12.02 -25.21 -33.84
CA ALA B 361 -12.35 -25.28 -35.25
C ALA B 361 -11.47 -24.37 -36.09
N LEU B 362 -11.05 -24.86 -37.25
CA LEU B 362 -10.35 -24.05 -38.24
C LEU B 362 -11.24 -23.81 -39.45
N GLY B 363 -11.41 -22.54 -39.81
CA GLY B 363 -12.22 -22.18 -40.97
C GLY B 363 -11.63 -22.67 -42.26
N ASP B 364 -12.49 -22.82 -43.27
CA ASP B 364 -12.12 -23.40 -44.55
C ASP B 364 -10.87 -22.80 -45.19
N GLN B 365 -10.83 -21.48 -45.30
CA GLN B 365 -9.72 -20.80 -45.96
C GLN B 365 -8.89 -19.95 -44.98
N SER B 366 -8.71 -20.46 -43.78
CA SER B 366 -8.10 -19.69 -42.69
C SER B 366 -6.73 -19.09 -43.01
N PHE B 367 -5.86 -19.86 -43.65
CA PHE B 367 -4.48 -19.41 -43.84
C PHE B 367 -4.15 -19.13 -45.30
N LEU B 368 -5.16 -18.82 -46.09
CA LEU B 368 -4.97 -18.59 -47.52
C LEU B 368 -4.07 -17.38 -47.79
N GLY B 369 -4.35 -16.28 -47.10
CA GLY B 369 -3.67 -15.02 -47.38
C GLY B 369 -2.34 -14.81 -46.67
N LEU B 370 -1.64 -15.90 -46.36
CA LEU B 370 -0.35 -15.80 -45.68
C LEU B 370 0.72 -16.55 -46.47
N PRO B 371 1.03 -16.07 -47.69
CA PRO B 371 1.94 -16.80 -48.57
C PRO B 371 3.38 -16.81 -48.04
N ASN B 372 3.69 -15.87 -47.15
CA ASN B 372 5.05 -15.74 -46.65
C ASN B 372 5.26 -16.39 -45.29
N LEU B 373 4.22 -17.04 -44.78
CA LEU B 373 4.28 -17.67 -43.47
C LEU B 373 5.38 -18.74 -43.37
N LYS B 374 6.28 -18.57 -42.41
CA LYS B 374 7.37 -19.52 -42.19
C LYS B 374 7.13 -20.38 -40.95
N GLU B 375 6.52 -19.78 -39.93
CA GLU B 375 6.28 -20.47 -38.65
C GLU B 375 4.84 -20.32 -38.18
N LEU B 376 4.19 -21.44 -37.90
CA LEU B 376 2.80 -21.41 -37.45
C LEU B 376 2.59 -22.29 -36.21
N ALA B 377 2.22 -21.69 -35.10
CA ALA B 377 1.99 -22.43 -33.86
C ALA B 377 0.50 -22.60 -33.55
N LEU B 378 0.07 -23.86 -33.47
CA LEU B 378 -1.32 -24.17 -33.14
C LEU B 378 -1.39 -25.18 -32.00
N ASP B 379 -0.28 -25.38 -31.31
CA ASP B 379 -0.21 -26.35 -30.22
C ASP B 379 -1.07 -25.94 -29.02
N THR B 380 -1.35 -26.89 -28.15
CA THR B 380 -2.10 -26.66 -26.92
C THR B 380 -3.45 -25.96 -27.16
N ASN B 381 -4.27 -26.59 -27.99
CA ASN B 381 -5.61 -26.11 -28.24
C ASN B 381 -6.65 -27.21 -28.01
N GLN B 382 -7.75 -27.15 -28.76
CA GLN B 382 -8.81 -28.15 -28.65
C GLN B 382 -9.25 -28.67 -30.01
N LEU B 383 -8.32 -28.67 -30.96
CA LEU B 383 -8.59 -29.11 -32.32
C LEU B 383 -8.70 -30.63 -32.42
N LYS B 384 -9.82 -31.09 -32.96
CA LYS B 384 -10.01 -32.52 -33.23
C LYS B 384 -9.79 -32.83 -34.69
N SER B 385 -9.92 -31.80 -35.54
CA SER B 385 -9.86 -31.99 -36.98
C SER B 385 -9.50 -30.71 -37.71
N VAL B 386 -9.03 -30.86 -38.94
CA VAL B 386 -8.74 -29.72 -39.81
C VAL B 386 -9.41 -29.90 -41.17
N PRO B 387 -9.69 -28.79 -41.87
CA PRO B 387 -10.22 -28.89 -43.22
C PRO B 387 -9.20 -29.42 -44.21
N ASP B 388 -9.66 -30.16 -45.22
CA ASP B 388 -8.78 -30.66 -46.27
C ASP B 388 -8.07 -29.52 -47.00
N GLY B 389 -6.76 -29.64 -47.17
CA GLY B 389 -5.99 -28.65 -47.92
C GLY B 389 -5.70 -27.38 -47.14
N ILE B 390 -5.94 -27.42 -45.83
CA ILE B 390 -5.83 -26.23 -44.99
C ILE B 390 -4.43 -25.60 -44.99
N PHE B 391 -3.40 -26.42 -45.23
CA PHE B 391 -2.04 -25.92 -45.12
C PHE B 391 -1.33 -25.81 -46.47
N ASP B 392 -2.03 -26.17 -47.54
CA ASP B 392 -1.42 -26.28 -48.86
C ASP B 392 -1.01 -24.94 -49.48
N ARG B 393 -1.63 -23.85 -49.07
CA ARG B 393 -1.30 -22.56 -49.64
C ARG B 393 -0.18 -21.87 -48.84
N LEU B 394 0.20 -22.47 -47.70
CA LEU B 394 1.33 -21.99 -46.92
C LEU B 394 2.63 -22.48 -47.53
N THR B 395 2.99 -21.89 -48.67
CA THR B 395 4.10 -22.40 -49.48
C THR B 395 5.48 -22.00 -48.93
N SER B 396 5.52 -21.05 -48.00
CA SER B 396 6.79 -20.65 -47.39
C SER B 396 7.05 -21.38 -46.08
N LEU B 397 6.08 -22.20 -45.65
CA LEU B 397 6.11 -22.82 -44.33
C LEU B 397 7.39 -23.59 -44.05
N GLN B 398 7.96 -23.37 -42.87
CA GLN B 398 9.18 -24.03 -42.45
C GLN B 398 8.99 -24.76 -41.11
N LYS B 399 8.15 -24.20 -40.24
CA LYS B 399 7.92 -24.76 -38.92
C LYS B 399 6.44 -24.68 -38.51
N ILE B 400 5.93 -25.78 -37.96
CA ILE B 400 4.53 -25.82 -37.50
C ILE B 400 4.42 -26.58 -36.18
N TRP B 401 3.57 -26.08 -35.29
CA TRP B 401 3.30 -26.73 -34.02
C TRP B 401 1.86 -27.21 -33.97
N LEU B 402 1.65 -28.51 -33.76
CA LEU B 402 0.29 -29.05 -33.74
C LEU B 402 0.03 -29.98 -32.56
N HIS B 403 1.04 -30.16 -31.71
CA HIS B 403 0.94 -31.08 -30.58
C HIS B 403 -0.01 -30.59 -29.49
N THR B 404 -0.23 -31.44 -28.48
CA THR B 404 -1.14 -31.18 -27.37
C THR B 404 -2.53 -30.78 -27.87
N ASN B 405 -3.02 -31.55 -28.83
CA ASN B 405 -4.40 -31.43 -29.30
C ASN B 405 -5.07 -32.80 -29.27
N PRO B 406 -6.37 -32.83 -28.98
CA PRO B 406 -7.10 -34.10 -28.97
C PRO B 406 -7.46 -34.58 -30.37
N TRP B 407 -6.45 -34.84 -31.19
CA TRP B 407 -6.64 -35.21 -32.60
C TRP B 407 -7.45 -36.49 -32.77
N ASP B 408 -8.48 -36.42 -33.61
CA ASP B 408 -9.28 -37.59 -33.95
C ASP B 408 -8.66 -38.34 -35.11
N CYS B 409 -8.07 -39.50 -34.83
CA CYS B 409 -7.34 -40.25 -35.84
C CYS B 409 -8.21 -41.31 -36.52
N SER B 410 -9.51 -41.10 -36.50
CA SER B 410 -10.44 -41.96 -37.22
C SER B 410 -10.34 -41.70 -38.73
N CYS B 411 -10.56 -42.75 -39.52
CA CYS B 411 -10.53 -42.64 -40.97
C CYS B 411 -11.94 -42.53 -41.56
N PRO B 412 -12.09 -41.73 -42.64
CA PRO B 412 -11.03 -41.01 -43.35
C PRO B 412 -10.80 -39.57 -42.88
N ARG B 413 -11.25 -39.22 -41.66
CA ARG B 413 -11.13 -37.85 -41.16
C ARG B 413 -9.68 -37.38 -41.04
N ILE B 414 -8.79 -38.28 -40.63
CA ILE B 414 -7.41 -37.91 -40.33
C ILE B 414 -6.51 -38.07 -41.55
N ASP B 415 -7.11 -38.38 -42.70
CA ASP B 415 -6.33 -38.72 -43.89
C ASP B 415 -5.43 -37.60 -44.39
N TYR B 416 -5.98 -36.40 -44.53
CA TYR B 416 -5.20 -35.26 -45.01
C TYR B 416 -4.05 -34.94 -44.06
N LEU B 417 -4.37 -34.79 -42.78
CA LEU B 417 -3.39 -34.35 -41.79
C LEU B 417 -2.27 -35.38 -41.60
N SER B 418 -2.65 -36.64 -41.52
CA SER B 418 -1.68 -37.72 -41.35
C SER B 418 -0.70 -37.79 -42.54
N ARG B 419 -1.24 -37.72 -43.74
CA ARG B 419 -0.42 -37.71 -44.95
C ARG B 419 0.46 -36.46 -45.00
N TRP B 420 -0.14 -35.31 -44.70
CA TRP B 420 0.56 -34.02 -44.73
C TRP B 420 1.70 -33.96 -43.71
N LEU B 421 1.45 -34.47 -42.50
CA LEU B 421 2.46 -34.47 -41.45
C LEU B 421 3.64 -35.38 -41.81
N ASN B 422 3.37 -36.43 -42.57
CA ASN B 422 4.41 -37.34 -43.01
C ASN B 422 5.30 -36.71 -44.08
N LYS B 423 4.67 -36.15 -45.11
CA LYS B 423 5.36 -35.47 -46.20
C LYS B 423 6.16 -34.26 -45.70
N ASN B 424 5.62 -33.58 -44.70
CA ASN B 424 6.27 -32.39 -44.16
C ASN B 424 6.86 -32.65 -42.78
N SER B 425 7.38 -33.86 -42.59
CA SER B 425 7.88 -34.28 -41.29
C SER B 425 9.02 -33.39 -40.77
N GLN B 426 9.73 -32.76 -41.69
CA GLN B 426 10.84 -31.86 -41.34
C GLN B 426 10.32 -30.52 -40.82
N LYS B 427 9.05 -30.23 -41.06
CA LYS B 427 8.46 -28.96 -40.65
C LYS B 427 7.80 -29.00 -39.27
N GLU B 428 7.31 -30.17 -38.87
CA GLU B 428 6.60 -30.27 -37.59
C GLU B 428 7.53 -30.19 -36.39
N GLN B 429 7.29 -29.19 -35.54
CA GLN B 429 8.00 -29.06 -34.28
C GLN B 429 7.19 -29.77 -33.19
N GLY B 430 7.84 -30.69 -32.48
CA GLY B 430 7.15 -31.52 -31.52
C GLY B 430 6.39 -32.61 -32.24
N SER B 431 5.41 -33.20 -31.58
CA SER B 431 4.70 -34.35 -32.15
C SER B 431 3.21 -34.37 -31.81
N ALA B 432 2.38 -34.21 -32.83
CA ALA B 432 0.93 -34.32 -32.67
C ALA B 432 0.52 -35.77 -32.38
N LYS B 433 -0.33 -35.96 -31.38
CA LYS B 433 -0.73 -37.29 -30.95
C LYS B 433 -2.23 -37.53 -31.06
N CYS B 434 -2.57 -38.75 -31.48
CA CYS B 434 -3.94 -39.23 -31.52
C CYS B 434 -4.52 -39.34 -30.12
N SER B 435 -5.74 -38.85 -29.92
CA SER B 435 -6.43 -39.07 -28.67
C SER B 435 -6.83 -40.54 -28.60
N GLY B 436 -6.55 -41.18 -27.46
CA GLY B 436 -6.85 -42.59 -27.29
C GLY B 436 -5.63 -43.47 -27.41
N SER B 437 -5.12 -43.64 -28.63
CA SER B 437 -3.95 -44.49 -28.87
C SER B 437 -2.68 -43.80 -28.40
N GLY B 438 -2.61 -42.49 -28.62
CA GLY B 438 -1.45 -41.72 -28.24
C GLY B 438 -0.34 -41.83 -29.25
N LYS B 439 -0.64 -42.42 -30.41
CA LYS B 439 0.35 -42.57 -31.47
C LYS B 439 0.47 -41.30 -32.30
N PRO B 440 1.66 -41.03 -32.84
CA PRO B 440 1.88 -39.88 -33.73
C PRO B 440 0.94 -39.89 -34.93
N VAL B 441 0.35 -38.74 -35.24
CA VAL B 441 -0.58 -38.62 -36.37
C VAL B 441 0.09 -39.00 -37.68
N ARG B 442 1.38 -38.70 -37.79
CA ARG B 442 2.15 -38.98 -39.00
C ARG B 442 2.25 -40.48 -39.34
N SER B 443 1.96 -41.33 -38.36
CA SER B 443 2.11 -42.76 -38.52
C SER B 443 0.83 -43.44 -38.98
N ILE B 444 -0.29 -42.72 -38.90
CA ILE B 444 -1.58 -43.27 -39.29
C ILE B 444 -1.71 -43.32 -40.81
N ILE B 445 -2.01 -44.51 -41.34
CA ILE B 445 -2.24 -44.67 -42.77
C ILE B 445 -3.65 -45.17 -43.04
N CYS B 446 -4.50 -44.29 -43.58
CA CYS B 446 -5.88 -44.64 -43.91
C CYS B 446 -5.95 -45.44 -45.21
N PRO B 447 -6.77 -46.52 -45.22
CA PRO B 447 -6.95 -47.38 -46.38
C PRO B 447 -7.53 -46.65 -47.59
N ALA C 18 -29.27 23.92 21.05
CA ALA C 18 -27.91 24.01 20.52
C ALA C 18 -27.58 22.81 19.66
N CYS C 19 -26.51 22.94 18.88
CA CYS C 19 -26.07 21.89 17.97
C CYS C 19 -25.01 21.01 18.63
N PRO C 20 -25.10 19.69 18.45
CA PRO C 20 -24.09 18.76 18.96
C PRO C 20 -22.67 19.13 18.50
N SER C 21 -21.68 18.86 19.34
CA SER C 21 -20.30 19.27 19.08
C SER C 21 -19.73 18.88 17.72
N GLN C 22 -19.85 17.60 17.38
CA GLN C 22 -19.26 17.10 16.14
C GLN C 22 -20.11 17.42 14.91
N CYS C 23 -21.24 18.08 15.12
CA CYS C 23 -22.22 18.26 14.05
C CYS C 23 -22.34 19.69 13.53
N SER C 24 -22.93 19.82 12.35
CA SER C 24 -23.21 21.12 11.74
C SER C 24 -24.72 21.27 11.55
N CYS C 25 -25.27 22.39 12.01
CA CYS C 25 -26.72 22.56 11.99
C CYS C 25 -27.15 23.73 11.12
N SER C 26 -28.29 23.55 10.47
CA SER C 26 -28.90 24.60 9.66
C SER C 26 -30.39 24.38 9.61
N GLY C 27 -31.13 25.29 10.22
CA GLY C 27 -32.56 25.14 10.32
C GLY C 27 -32.90 23.90 11.12
N THR C 28 -33.68 23.01 10.53
CA THR C 28 -34.06 21.76 11.19
C THR C 28 -33.17 20.60 10.73
N THR C 29 -32.03 20.94 10.16
CA THR C 29 -31.08 19.95 9.69
C THR C 29 -29.87 19.81 10.61
N VAL C 30 -29.53 18.57 10.96
CA VAL C 30 -28.33 18.27 11.72
C VAL C 30 -27.48 17.27 10.95
N ASP C 31 -26.32 17.74 10.49
CA ASP C 31 -25.42 16.90 9.71
C ASP C 31 -24.20 16.53 10.53
N CYS C 32 -24.09 15.24 10.85
CA CYS C 32 -22.99 14.70 11.63
C CYS C 32 -22.17 13.75 10.78
N SER C 33 -22.22 13.97 9.47
CA SER C 33 -21.59 13.09 8.50
C SER C 33 -20.10 13.32 8.39
N GLY C 34 -19.38 12.24 8.12
CA GLY C 34 -17.94 12.30 7.89
C GLY C 34 -17.14 12.76 9.09
N LYS C 35 -17.54 12.37 10.28
CA LYS C 35 -16.85 12.81 11.48
C LYS C 35 -16.24 11.67 12.27
N SER C 36 -16.04 10.53 11.62
CA SER C 36 -15.48 9.34 12.30
C SER C 36 -16.25 8.97 13.57
N LEU C 37 -17.55 9.23 13.57
CA LEU C 37 -18.35 8.93 14.75
C LEU C 37 -18.46 7.42 14.93
N ALA C 38 -18.39 6.97 16.17
CA ALA C 38 -18.54 5.55 16.46
C ALA C 38 -19.93 5.29 17.04
N SER C 39 -20.62 6.39 17.37
CA SER C 39 -21.97 6.33 17.91
C SER C 39 -22.77 7.59 17.57
N VAL C 40 -24.08 7.53 17.79
CA VAL C 40 -24.95 8.68 17.57
C VAL C 40 -24.74 9.74 18.64
N PRO C 41 -24.46 10.98 18.21
CA PRO C 41 -24.21 12.09 19.15
C PRO C 41 -25.43 12.34 20.03
N THR C 42 -25.17 12.80 21.24
CA THR C 42 -26.24 13.12 22.18
C THR C 42 -26.66 14.58 22.05
N GLY C 43 -27.79 14.92 22.65
CA GLY C 43 -28.25 16.30 22.66
C GLY C 43 -28.73 16.78 21.31
N ILE C 44 -29.36 15.89 20.56
CA ILE C 44 -29.92 16.25 19.28
C ILE C 44 -31.32 16.82 19.51
N PRO C 45 -31.50 18.09 19.14
CA PRO C 45 -32.75 18.82 19.38
C PRO C 45 -33.98 18.08 18.85
N THR C 46 -35.04 18.05 19.66
CA THR C 46 -36.25 17.32 19.31
C THR C 46 -36.97 17.94 18.11
N THR C 47 -36.55 19.14 17.71
CA THR C 47 -37.10 19.81 16.55
C THR C 47 -36.44 19.36 15.24
N THR C 48 -35.54 18.39 15.33
CA THR C 48 -34.80 17.93 14.18
C THR C 48 -35.68 17.18 13.18
N GLN C 49 -35.66 17.65 11.93
CA GLN C 49 -36.42 17.04 10.86
C GLN C 49 -35.55 16.21 9.93
N VAL C 50 -34.29 16.62 9.81
CA VAL C 50 -33.30 15.93 8.98
C VAL C 50 -32.05 15.63 9.79
N LEU C 51 -31.69 14.35 9.88
CA LEU C 51 -30.51 13.93 10.62
C LEU C 51 -29.56 13.12 9.74
N GLY C 52 -28.35 13.64 9.56
CA GLY C 52 -27.36 12.99 8.72
C GLY C 52 -26.24 12.36 9.51
N LEU C 53 -26.11 11.04 9.40
CA LEU C 53 -25.07 10.32 10.13
C LEU C 53 -24.24 9.49 9.17
N SER C 54 -24.28 9.83 7.88
CA SER C 54 -23.57 9.03 6.88
C SER C 54 -22.05 9.15 6.98
N SER C 55 -21.37 8.17 6.38
CA SER C 55 -19.91 8.16 6.28
C SER C 55 -19.24 8.31 7.63
N ASN C 56 -19.62 7.45 8.57
CA ASN C 56 -18.99 7.39 9.88
C ASN C 56 -18.55 5.97 10.16
N GLN C 57 -18.27 5.66 11.43
CA GLN C 57 -17.89 4.31 11.81
C GLN C 57 -18.88 3.75 12.83
N ILE C 58 -20.13 4.13 12.67
CA ILE C 58 -21.19 3.68 13.57
C ILE C 58 -21.45 2.19 13.37
N THR C 59 -21.24 1.41 14.42
CA THR C 59 -21.26 -0.04 14.33
C THR C 59 -22.53 -0.64 14.94
N LYS C 60 -23.22 0.16 15.75
CA LYS C 60 -24.42 -0.29 16.42
C LYS C 60 -25.25 0.90 16.86
N LEU C 61 -26.56 0.71 16.92
CA LEU C 61 -27.46 1.74 17.43
C LEU C 61 -28.03 1.28 18.77
N GLU C 62 -28.03 2.17 19.76
CA GLU C 62 -28.62 1.83 21.05
C GLU C 62 -30.14 1.81 20.94
N PRO C 63 -30.77 0.85 21.62
CA PRO C 63 -32.23 0.77 21.59
C PRO C 63 -32.87 2.08 22.06
N GLY C 64 -33.82 2.59 21.29
CA GLY C 64 -34.53 3.80 21.64
C GLY C 64 -33.70 5.08 21.55
N VAL C 65 -32.64 5.05 20.75
CA VAL C 65 -31.75 6.20 20.62
C VAL C 65 -32.44 7.35 19.89
N PHE C 66 -33.48 7.02 19.11
CA PHE C 66 -34.16 8.01 18.31
C PHE C 66 -35.52 8.42 18.87
N ASP C 67 -35.90 7.87 20.02
CA ASP C 67 -37.25 8.09 20.56
C ASP C 67 -37.60 9.56 20.77
N SER C 68 -36.58 10.38 21.03
CA SER C 68 -36.78 11.81 21.28
C SER C 68 -37.17 12.57 20.02
N LEU C 69 -36.65 12.13 18.88
CA LEU C 69 -36.79 12.87 17.63
C LEU C 69 -38.09 12.58 16.89
N VAL C 70 -39.22 12.93 17.52
CA VAL C 70 -40.53 12.62 16.95
C VAL C 70 -40.83 13.39 15.66
N ASN C 71 -40.05 14.43 15.39
CA ASN C 71 -40.26 15.25 14.19
C ASN C 71 -39.35 14.85 13.03
N LEU C 72 -38.59 13.78 13.20
CA LEU C 72 -37.68 13.32 12.17
C LEU C 72 -38.42 12.89 10.90
N GLN C 73 -37.99 13.39 9.76
CA GLN C 73 -38.59 12.98 8.49
C GLN C 73 -37.55 12.32 7.60
N ILE C 74 -36.28 12.62 7.85
CA ILE C 74 -35.19 12.07 7.05
C ILE C 74 -34.06 11.57 7.94
N LEU C 75 -33.75 10.29 7.84
CA LEU C 75 -32.66 9.68 8.60
C LEU C 75 -31.64 9.05 7.65
N VAL C 76 -30.42 9.57 7.68
CA VAL C 76 -29.40 9.13 6.73
C VAL C 76 -28.26 8.38 7.42
N LEU C 77 -28.13 7.10 7.11
CA LEU C 77 -27.17 6.24 7.81
C LEU C 77 -26.29 5.45 6.86
N TYR C 78 -26.23 5.86 5.59
CA TYR C 78 -25.47 5.09 4.62
C TYR C 78 -23.97 5.21 4.92
N GLN C 79 -23.22 4.21 4.47
CA GLN C 79 -21.77 4.11 4.68
C GLN C 79 -21.39 4.18 6.17
N ASN C 80 -21.97 3.25 6.93
CA ASN C 80 -21.51 2.99 8.29
C ASN C 80 -21.21 1.49 8.41
N GLN C 81 -21.15 0.97 9.63
CA GLN C 81 -20.78 -0.43 9.84
C GLN C 81 -21.86 -1.21 10.60
N LEU C 82 -23.11 -0.81 10.37
CA LEU C 82 -24.29 -1.45 10.97
C LEU C 82 -24.43 -2.90 10.49
N THR C 83 -24.55 -3.83 11.43
CA THR C 83 -24.73 -5.24 11.08
C THR C 83 -26.19 -5.65 11.27
N THR C 84 -26.86 -4.98 12.19
CA THR C 84 -28.29 -5.15 12.37
C THR C 84 -28.87 -3.91 13.07
N LEU C 85 -30.18 -3.93 13.31
CA LEU C 85 -30.83 -2.84 14.01
C LEU C 85 -31.43 -3.36 15.33
N PRO C 86 -31.60 -2.48 16.32
CA PRO C 86 -32.34 -2.94 17.49
C PRO C 86 -33.85 -2.87 17.23
N ALA C 87 -34.62 -3.76 17.83
CA ALA C 87 -36.05 -3.82 17.59
C ALA C 87 -36.73 -2.52 18.01
N GLY C 88 -37.73 -2.11 17.23
CA GLY C 88 -38.53 -0.95 17.55
C GLY C 88 -37.77 0.36 17.59
N VAL C 89 -36.61 0.39 16.95
CA VAL C 89 -35.75 1.57 16.99
C VAL C 89 -36.39 2.76 16.27
N PHE C 90 -37.26 2.48 15.30
CA PHE C 90 -37.88 3.53 14.50
C PHE C 90 -39.33 3.82 14.91
N ASP C 91 -39.84 3.14 15.93
CA ASP C 91 -41.27 3.18 16.20
C ASP C 91 -41.81 4.54 16.63
N ARG C 92 -40.94 5.38 17.17
CA ARG C 92 -41.35 6.73 17.56
C ARG C 92 -41.38 7.65 16.34
N LEU C 93 -40.59 7.31 15.32
CA LEU C 93 -40.47 8.12 14.11
C LEU C 93 -41.62 7.89 13.14
N ILE C 94 -42.80 8.34 13.52
CA ILE C 94 -44.01 8.08 12.73
C ILE C 94 -44.13 9.03 11.55
N ASN C 95 -43.34 10.09 11.57
CA ASN C 95 -43.34 11.06 10.48
C ASN C 95 -42.21 10.84 9.50
N LEU C 96 -41.45 9.76 9.68
CA LEU C 96 -40.30 9.47 8.82
C LEU C 96 -40.70 9.30 7.36
N LYS C 97 -40.05 10.04 6.48
CA LYS C 97 -40.33 9.99 5.04
C LYS C 97 -39.25 9.22 4.28
N GLU C 98 -37.98 9.45 4.64
CA GLU C 98 -36.86 8.85 3.92
C GLU C 98 -35.82 8.21 4.83
N LEU C 99 -35.42 7.00 4.49
CA LEU C 99 -34.51 6.22 5.33
C LEU C 99 -33.40 5.58 4.47
N TYR C 100 -32.15 5.96 4.75
CA TYR C 100 -31.00 5.55 3.93
C TYR C 100 -30.04 4.60 4.66
N PHE C 101 -29.92 3.38 4.17
CA PHE C 101 -29.09 2.37 4.82
C PHE C 101 -28.05 1.74 3.92
N SER C 102 -27.82 2.32 2.74
CA SER C 102 -26.92 1.70 1.78
C SER C 102 -25.48 1.64 2.30
N ASN C 103 -24.71 0.68 1.82
CA ASN C 103 -23.32 0.50 2.22
C ASN C 103 -23.11 0.37 3.72
N ASN C 104 -23.82 -0.56 4.33
CA ASN C 104 -23.55 -0.99 5.69
C ASN C 104 -23.19 -2.46 5.62
N GLN C 105 -23.38 -3.19 6.72
CA GLN C 105 -23.11 -4.62 6.73
C GLN C 105 -24.29 -5.39 7.30
N LEU C 106 -25.49 -4.89 7.07
CA LEU C 106 -26.70 -5.48 7.63
C LEU C 106 -26.87 -6.92 7.20
N THR C 107 -26.94 -7.83 8.16
CA THR C 107 -27.09 -9.25 7.88
C THR C 107 -28.53 -9.71 8.12
N SER C 108 -29.28 -8.91 8.88
CA SER C 108 -30.66 -9.24 9.20
C SER C 108 -31.43 -8.03 9.75
N LEU C 109 -32.73 -8.01 9.52
CA LEU C 109 -33.62 -6.97 10.05
C LEU C 109 -34.54 -7.56 11.11
N PRO C 110 -34.79 -6.81 12.19
CA PRO C 110 -35.71 -7.25 13.25
C PRO C 110 -37.16 -7.23 12.79
N ALA C 111 -37.98 -8.12 13.35
CA ALA C 111 -39.39 -8.21 13.00
C ALA C 111 -40.10 -6.90 13.31
N GLY C 112 -40.80 -6.37 12.30
CA GLY C 112 -41.58 -5.16 12.45
C GLY C 112 -40.81 -3.89 12.77
N VAL C 113 -39.69 -3.66 12.09
CA VAL C 113 -38.94 -2.42 12.29
C VAL C 113 -39.53 -1.26 11.52
N PHE C 114 -40.27 -1.58 10.46
CA PHE C 114 -40.82 -0.53 9.61
C PHE C 114 -42.31 -0.41 9.75
N ASP C 115 -42.89 -1.17 10.68
CA ASP C 115 -44.34 -1.25 10.83
C ASP C 115 -45.01 0.08 11.11
N LYS C 116 -44.31 0.97 11.81
CA LYS C 116 -44.89 2.25 12.21
C LYS C 116 -44.68 3.33 11.15
N LEU C 117 -43.82 3.04 10.18
CA LEU C 117 -43.45 4.02 9.16
C LEU C 117 -44.50 4.13 8.05
N THR C 118 -45.68 4.63 8.39
CA THR C 118 -46.81 4.71 7.46
C THR C 118 -46.59 5.73 6.35
N GLN C 119 -45.74 6.70 6.59
CA GLN C 119 -45.52 7.77 5.63
C GLN C 119 -44.23 7.63 4.84
N LEU C 120 -43.46 6.59 5.12
CA LEU C 120 -42.18 6.38 4.44
C LEU C 120 -42.35 6.21 2.94
N THR C 121 -41.70 7.08 2.18
CA THR C 121 -41.74 6.99 0.72
C THR C 121 -40.45 6.39 0.16
N ARG C 122 -39.33 6.64 0.81
CA ARG C 122 -38.06 6.11 0.32
C ARG C 122 -37.32 5.27 1.36
N LEU C 123 -37.08 4.00 1.00
CA LEU C 123 -36.32 3.07 1.82
C LEU C 123 -35.14 2.55 1.04
N GLU C 124 -33.95 2.79 1.54
CA GLU C 124 -32.76 2.49 0.76
C GLU C 124 -31.92 1.42 1.45
N LEU C 125 -31.96 0.19 0.94
CA LEU C 125 -31.32 -0.94 1.61
C LEU C 125 -30.28 -1.64 0.75
N GLN C 126 -29.95 -1.07 -0.40
CA GLN C 126 -29.01 -1.69 -1.32
C GLN C 126 -27.61 -1.80 -0.71
N THR C 127 -26.83 -2.74 -1.24
CA THR C 127 -25.42 -2.95 -0.86
C THR C 127 -25.25 -3.20 0.64
N ASN C 128 -25.80 -4.32 1.08
CA ASN C 128 -25.65 -4.80 2.44
C ASN C 128 -25.35 -6.28 2.40
N GLN C 129 -25.72 -7.01 3.44
CA GLN C 129 -25.49 -8.46 3.49
C GLN C 129 -26.76 -9.22 3.85
N LEU C 130 -27.91 -8.69 3.45
CA LEU C 130 -29.19 -9.32 3.77
C LEU C 130 -29.41 -10.59 2.96
N LYS C 131 -29.77 -11.68 3.64
CA LYS C 131 -30.08 -12.96 3.01
C LYS C 131 -31.57 -13.03 2.76
N SER C 132 -32.32 -12.33 3.60
CA SER C 132 -33.76 -12.41 3.57
C SER C 132 -34.41 -11.16 4.15
N ILE C 133 -35.73 -11.08 3.98
CA ILE C 133 -36.55 -10.05 4.60
C ILE C 133 -37.64 -10.75 5.42
N PRO C 134 -37.74 -10.43 6.72
CA PRO C 134 -38.74 -11.04 7.60
C PRO C 134 -40.17 -10.85 7.10
N ARG C 135 -41.02 -11.87 7.24
CA ARG C 135 -42.37 -11.85 6.69
C ARG C 135 -43.16 -10.61 7.15
N GLY C 136 -43.73 -9.90 6.17
CA GLY C 136 -44.56 -8.75 6.44
C GLY C 136 -43.83 -7.47 6.82
N ALA C 137 -42.52 -7.44 6.57
CA ALA C 137 -41.69 -6.31 6.97
C ALA C 137 -42.06 -5.02 6.24
N PHE C 138 -42.60 -5.15 5.04
CA PHE C 138 -42.95 -3.99 4.22
C PHE C 138 -44.45 -3.73 4.15
N ASP C 139 -45.23 -4.58 4.82
CA ASP C 139 -46.69 -4.56 4.67
C ASP C 139 -47.36 -3.26 5.12
N ASN C 140 -46.78 -2.59 6.10
CA ASN C 140 -47.36 -1.36 6.63
C ASN C 140 -46.92 -0.12 5.88
N LEU C 141 -45.96 -0.27 4.96
CA LEU C 141 -45.42 0.86 4.23
C LEU C 141 -46.34 1.28 3.08
N LYS C 142 -47.46 1.93 3.42
CA LYS C 142 -48.48 2.27 2.42
C LYS C 142 -48.07 3.41 1.50
N SER C 143 -47.08 4.19 1.91
CA SER C 143 -46.70 5.38 1.15
C SER C 143 -45.45 5.14 0.30
N LEU C 144 -44.94 3.91 0.32
CA LEU C 144 -43.63 3.62 -0.27
C LEU C 144 -43.56 3.87 -1.79
N THR C 145 -42.70 4.79 -2.19
CA THR C 145 -42.53 5.15 -3.58
C THR C 145 -41.24 4.58 -4.16
N ASN C 146 -40.20 4.56 -3.35
CA ASN C 146 -38.90 4.09 -3.80
C ASN C 146 -38.26 3.14 -2.79
N ILE C 147 -37.99 1.91 -3.21
CA ILE C 147 -37.24 1.00 -2.39
C ILE C 147 -36.10 0.42 -3.22
N TYR C 148 -34.92 0.35 -2.62
CA TYR C 148 -33.73 -0.17 -3.29
C TYR C 148 -33.24 -1.38 -2.52
N LEU C 149 -33.11 -2.49 -3.24
CA LEU C 149 -32.82 -3.78 -2.62
C LEU C 149 -31.68 -4.52 -3.30
N PHE C 150 -31.11 -3.92 -4.34
CA PHE C 150 -30.09 -4.60 -5.13
C PHE C 150 -28.79 -4.72 -4.34
N ASN C 151 -27.87 -5.52 -4.87
CA ASN C 151 -26.57 -5.75 -4.24
C ASN C 151 -26.68 -6.38 -2.85
N ASN C 152 -27.52 -7.38 -2.73
CA ASN C 152 -27.62 -8.16 -1.50
C ASN C 152 -27.57 -9.64 -1.85
N PRO C 153 -26.91 -10.45 -1.00
CA PRO C 153 -26.76 -11.88 -1.25
C PRO C 153 -28.03 -12.67 -0.87
N TRP C 154 -29.11 -12.43 -1.58
CA TRP C 154 -30.37 -13.07 -1.26
C TRP C 154 -30.29 -14.59 -1.39
N ASP C 155 -30.66 -15.28 -0.31
CA ASP C 155 -30.63 -16.74 -0.28
C ASP C 155 -31.93 -17.30 -0.88
N CYS C 156 -31.84 -17.71 -2.14
CA CYS C 156 -33.01 -18.21 -2.85
C CYS C 156 -33.27 -19.69 -2.60
N GLU C 157 -32.32 -20.38 -1.98
CA GLU C 157 -32.52 -21.78 -1.59
C GLU C 157 -33.37 -21.83 -0.33
N CYS C 158 -33.28 -20.76 0.48
CA CYS C 158 -34.06 -20.68 1.70
C CYS C 158 -35.50 -20.29 1.42
N SER C 159 -36.42 -20.85 2.21
CA SER C 159 -37.84 -20.68 1.97
C SER C 159 -38.37 -19.36 2.52
N ASP C 160 -37.55 -18.67 3.31
CA ASP C 160 -37.95 -17.39 3.89
C ASP C 160 -37.94 -16.26 2.85
N ILE C 161 -37.38 -16.54 1.69
CA ILE C 161 -37.27 -15.54 0.64
C ILE C 161 -38.60 -15.36 -0.09
N LEU C 162 -39.54 -16.25 0.18
CA LEU C 162 -40.84 -16.23 -0.46
C LEU C 162 -41.62 -14.93 -0.20
N TYR C 163 -41.40 -14.32 0.96
CA TYR C 163 -42.06 -13.04 1.24
C TYR C 163 -41.54 -11.96 0.30
N LEU C 164 -40.22 -11.88 0.19
CA LEU C 164 -39.57 -10.90 -0.67
C LEU C 164 -40.03 -11.11 -2.11
N LYS C 165 -40.06 -12.37 -2.54
CA LYS C 165 -40.53 -12.72 -3.87
C LYS C 165 -41.94 -12.23 -4.13
N ASN C 166 -42.87 -12.61 -3.25
CA ASN C 166 -44.27 -12.23 -3.40
C ASN C 166 -44.46 -10.73 -3.33
N TRP C 167 -43.64 -10.06 -2.53
CA TRP C 167 -43.80 -8.62 -2.35
C TRP C 167 -43.28 -7.81 -3.54
N ILE C 168 -42.08 -8.16 -4.02
CA ILE C 168 -41.49 -7.40 -5.11
C ILE C 168 -42.20 -7.65 -6.43
N VAL C 169 -42.85 -8.80 -6.56
CA VAL C 169 -43.56 -9.09 -7.79
C VAL C 169 -44.90 -8.36 -7.78
N GLN C 170 -45.36 -7.96 -6.60
CA GLN C 170 -46.62 -7.24 -6.47
C GLN C 170 -46.40 -5.73 -6.51
N HIS C 171 -45.22 -5.28 -6.08
CA HIS C 171 -44.90 -3.84 -6.09
C HIS C 171 -43.69 -3.55 -6.97
N ALA C 172 -43.58 -4.21 -8.12
CA ALA C 172 -42.37 -4.14 -8.93
C ALA C 172 -42.05 -2.74 -9.44
N SER C 173 -43.07 -1.90 -9.56
CA SER C 173 -42.90 -0.56 -10.10
C SER C 173 -42.09 0.34 -9.17
N ILE C 174 -42.14 0.08 -7.86
CA ILE C 174 -41.39 0.88 -6.90
C ILE C 174 -40.05 0.25 -6.52
N VAL C 175 -39.74 -0.90 -7.09
CA VAL C 175 -38.47 -1.59 -6.76
C VAL C 175 -37.35 -1.20 -7.73
N ASN C 176 -36.27 -0.68 -7.16
CA ASN C 176 -35.08 -0.23 -7.90
C ASN C 176 -35.41 0.64 -9.11
N PRO C 177 -36.13 1.75 -8.90
CA PRO C 177 -36.49 2.56 -10.06
C PRO C 177 -35.37 3.50 -10.50
N ASP C 178 -35.65 4.34 -11.49
CA ASP C 178 -34.69 5.32 -11.99
C ASP C 178 -33.41 4.66 -12.51
N GLY C 179 -33.58 3.58 -13.26
CA GLY C 179 -32.47 2.88 -13.86
C GLY C 179 -31.56 2.13 -12.90
N HIS C 180 -32.12 1.62 -11.81
CA HIS C 180 -31.36 0.80 -10.89
C HIS C 180 -31.64 -0.68 -11.12
N GLY C 181 -32.12 -1.01 -12.32
CA GLY C 181 -32.30 -2.39 -12.72
C GLY C 181 -33.74 -2.87 -12.65
N GLY C 182 -34.54 -2.20 -11.83
CA GLY C 182 -35.93 -2.60 -11.67
C GLY C 182 -36.04 -3.81 -10.75
N VAL C 183 -37.18 -4.50 -10.84
CA VAL C 183 -37.44 -5.64 -9.98
C VAL C 183 -36.50 -6.81 -10.28
N ASP C 184 -35.94 -6.83 -11.49
CA ASP C 184 -35.02 -7.91 -11.88
C ASP C 184 -33.63 -7.76 -11.27
N ASN C 185 -33.34 -6.58 -10.73
CA ASN C 185 -32.02 -6.35 -10.13
C ASN C 185 -31.98 -6.83 -8.68
N VAL C 186 -33.08 -7.40 -8.21
CA VAL C 186 -33.09 -8.12 -6.95
C VAL C 186 -32.72 -9.57 -7.28
N LYS C 187 -31.44 -9.89 -7.12
CA LYS C 187 -30.92 -11.14 -7.66
C LYS C 187 -30.52 -12.16 -6.60
N CYS C 188 -30.52 -13.43 -7.00
CA CYS C 188 -30.18 -14.54 -6.12
C CYS C 188 -28.68 -14.66 -5.93
N SER C 189 -28.29 -15.15 -4.76
CA SER C 189 -26.89 -15.33 -4.43
C SER C 189 -26.28 -16.53 -5.16
N GLY C 190 -25.21 -16.29 -5.90
CA GLY C 190 -24.53 -17.36 -6.62
C GLY C 190 -25.01 -17.55 -8.05
N THR C 191 -26.31 -17.76 -8.22
CA THR C 191 -26.88 -18.05 -9.54
C THR C 191 -27.18 -16.78 -10.32
N ASN C 192 -27.33 -15.67 -9.59
CA ASN C 192 -27.60 -14.35 -10.17
C ASN C 192 -28.96 -14.31 -10.90
N THR C 193 -29.85 -15.23 -10.53
CA THR C 193 -31.20 -15.29 -11.08
C THR C 193 -32.11 -14.28 -10.36
N PRO C 194 -33.07 -13.68 -11.09
CA PRO C 194 -34.07 -12.83 -10.43
C PRO C 194 -34.85 -13.56 -9.33
N VAL C 195 -35.07 -12.87 -8.23
CA VAL C 195 -35.77 -13.41 -7.08
C VAL C 195 -37.25 -13.65 -7.37
N ARG C 196 -37.82 -12.79 -8.20
CA ARG C 196 -39.22 -12.93 -8.59
C ARG C 196 -39.50 -14.23 -9.32
N ALA C 197 -38.46 -14.85 -9.87
CA ALA C 197 -38.62 -16.04 -10.70
C ALA C 197 -38.43 -17.35 -9.96
N VAL C 198 -38.16 -17.29 -8.65
CA VAL C 198 -37.96 -18.52 -7.88
C VAL C 198 -39.30 -19.21 -7.60
N THR C 199 -39.28 -20.54 -7.55
CA THR C 199 -40.47 -21.31 -7.25
C THR C 199 -40.45 -21.76 -5.80
N GLU C 200 -41.62 -21.98 -5.23
CA GLU C 200 -41.72 -22.44 -3.85
C GLU C 200 -41.17 -23.87 -3.73
N ALA C 201 -41.28 -24.62 -4.83
CA ALA C 201 -40.75 -25.98 -4.87
C ALA C 201 -39.23 -26.00 -4.79
N SER C 202 -38.58 -25.00 -5.38
CA SER C 202 -37.13 -24.94 -5.40
C SER C 202 -36.53 -24.53 -4.05
N THR C 203 -37.38 -23.97 -3.18
CA THR C 203 -36.92 -23.52 -1.87
C THR C 203 -37.20 -24.57 -0.80
N SER C 204 -36.56 -24.43 0.35
CA SER C 204 -36.71 -25.37 1.44
C SER C 204 -36.38 -24.73 2.77
N PRO C 205 -37.19 -25.04 3.81
CA PRO C 205 -36.97 -24.56 5.19
C PRO C 205 -35.66 -25.10 5.79
N SER C 206 -35.18 -26.23 5.27
CA SER C 206 -33.96 -26.85 5.79
C SER C 206 -32.69 -26.12 5.32
N LYS C 207 -32.79 -25.44 4.17
CA LYS C 207 -31.66 -24.69 3.63
C LYS C 207 -31.59 -23.28 4.23
N CYS C 208 -32.35 -23.05 5.28
CA CYS C 208 -32.33 -21.78 5.98
C CYS C 208 -31.31 -21.83 7.12
N PRO C 209 -30.32 -20.92 7.08
CA PRO C 209 -29.29 -20.86 8.13
C PRO C 209 -29.87 -20.50 9.49
N ALA D 18 32.85 -8.86 -25.11
CA ALA D 18 31.89 -7.81 -24.83
C ALA D 18 31.09 -8.12 -23.56
N CYS D 19 30.40 -7.12 -23.04
CA CYS D 19 29.62 -7.27 -21.82
C CYS D 19 28.19 -7.62 -22.17
N PRO D 20 27.59 -8.59 -21.45
CA PRO D 20 26.19 -8.95 -21.65
C PRO D 20 25.26 -7.74 -21.52
N SER D 21 24.16 -7.74 -22.26
CA SER D 21 23.26 -6.59 -22.35
C SER D 21 22.79 -6.06 -21.01
N GLN D 22 22.28 -6.94 -20.16
CA GLN D 22 21.72 -6.54 -18.88
C GLN D 22 22.80 -6.28 -17.82
N CYS D 23 24.06 -6.44 -18.19
CA CYS D 23 25.14 -6.40 -17.21
C CYS D 23 26.04 -5.15 -17.33
N SER D 24 26.81 -4.89 -16.27
CA SER D 24 27.79 -3.80 -16.25
C SER D 24 29.18 -4.38 -16.03
N CYS D 25 30.14 -4.01 -16.88
CA CYS D 25 31.47 -4.61 -16.84
C CYS D 25 32.61 -3.62 -16.59
N SER D 26 33.62 -4.07 -15.87
CA SER D 26 34.84 -3.29 -15.63
C SER D 26 35.98 -4.22 -15.29
N GLY D 27 37.00 -4.27 -16.14
CA GLY D 27 38.11 -5.18 -15.97
C GLY D 27 37.66 -6.62 -16.08
N THR D 28 37.92 -7.41 -15.04
CA THR D 28 37.48 -8.81 -15.02
C THR D 28 36.18 -8.96 -14.22
N THR D 29 35.49 -7.85 -14.01
CA THR D 29 34.25 -7.89 -13.24
C THR D 29 33.02 -7.78 -14.15
N VAL D 30 32.07 -8.68 -13.96
CA VAL D 30 30.78 -8.62 -14.64
C VAL D 30 29.65 -8.62 -13.62
N ASP D 31 28.95 -7.50 -13.49
CA ASP D 31 27.87 -7.36 -12.53
C ASP D 31 26.48 -7.35 -13.16
N CYS D 32 25.69 -8.37 -12.86
CA CYS D 32 24.34 -8.49 -13.38
C CYS D 32 23.32 -8.40 -12.26
N SER D 33 23.69 -7.76 -11.16
CA SER D 33 22.83 -7.71 -10.00
C SER D 33 21.75 -6.65 -10.15
N GLY D 34 20.58 -6.91 -9.58
CA GLY D 34 19.49 -5.94 -9.56
C GLY D 34 18.94 -5.64 -10.94
N LYS D 35 18.87 -6.66 -11.78
CA LYS D 35 18.41 -6.49 -13.15
C LYS D 35 17.14 -7.28 -13.43
N SER D 36 16.41 -7.64 -12.38
CA SER D 36 15.16 -8.41 -12.48
C SER D 36 15.33 -9.70 -13.29
N LEU D 37 16.53 -10.28 -13.24
CA LEU D 37 16.86 -11.49 -13.99
C LEU D 37 16.19 -12.75 -13.45
N ALA D 38 15.76 -13.61 -14.36
CA ALA D 38 15.18 -14.90 -14.01
C ALA D 38 16.15 -16.03 -14.32
N SER D 39 17.23 -15.70 -15.03
CA SER D 39 18.25 -16.68 -15.40
C SER D 39 19.63 -16.03 -15.53
N VAL D 40 20.66 -16.87 -15.60
CA VAL D 40 22.03 -16.37 -15.79
C VAL D 40 22.24 -15.93 -17.23
N PRO D 41 22.68 -14.68 -17.42
CA PRO D 41 22.90 -14.10 -18.76
C PRO D 41 23.91 -14.87 -19.60
N THR D 42 23.73 -14.85 -20.92
CA THR D 42 24.67 -15.50 -21.82
C THR D 42 25.74 -14.52 -22.29
N GLY D 43 26.79 -15.05 -22.90
CA GLY D 43 27.86 -14.23 -23.44
C GLY D 43 28.75 -13.60 -22.39
N ILE D 44 28.99 -14.32 -21.31
CA ILE D 44 29.89 -13.85 -20.26
C ILE D 44 31.33 -14.25 -20.56
N PRO D 45 32.23 -13.25 -20.73
CA PRO D 45 33.63 -13.49 -21.10
C PRO D 45 34.33 -14.47 -20.16
N THR D 46 35.07 -15.41 -20.74
CA THR D 46 35.73 -16.46 -19.96
C THR D 46 36.83 -15.91 -19.06
N THR D 47 37.20 -14.66 -19.31
CA THR D 47 38.22 -13.98 -18.51
C THR D 47 37.62 -13.39 -17.23
N THR D 48 36.33 -13.64 -17.00
CA THR D 48 35.62 -13.06 -15.85
C THR D 48 36.11 -13.64 -14.53
N GLN D 49 36.53 -12.76 -13.63
CA GLN D 49 36.99 -13.19 -12.31
C GLN D 49 35.90 -12.96 -11.26
N VAL D 50 35.07 -11.94 -11.50
CA VAL D 50 33.99 -11.57 -10.58
C VAL D 50 32.64 -11.52 -11.30
N LEU D 51 31.69 -12.33 -10.83
CA LEU D 51 30.35 -12.36 -11.41
C LEU D 51 29.29 -12.11 -10.34
N GLY D 52 28.56 -11.01 -10.49
CA GLY D 52 27.54 -10.65 -9.53
C GLY D 52 26.14 -10.86 -10.07
N LEU D 53 25.37 -11.71 -9.38
CA LEU D 53 24.00 -12.01 -9.79
C LEU D 53 22.99 -11.81 -8.67
N SER D 54 23.38 -11.08 -7.63
CA SER D 54 22.55 -10.87 -6.47
C SER D 54 21.33 -9.98 -6.76
N SER D 55 20.32 -10.05 -5.90
CA SER D 55 19.13 -9.18 -5.98
C SER D 55 18.42 -9.28 -7.32
N ASN D 56 18.11 -10.50 -7.72
CA ASN D 56 17.33 -10.74 -8.92
C ASN D 56 16.14 -11.61 -8.58
N GLN D 57 15.57 -12.23 -9.60
CA GLN D 57 14.43 -13.12 -9.43
C GLN D 57 14.80 -14.51 -9.93
N ILE D 58 16.08 -14.86 -9.79
CA ILE D 58 16.56 -16.16 -10.29
C ILE D 58 15.99 -17.29 -9.45
N THR D 59 15.26 -18.18 -10.12
CA THR D 59 14.53 -19.21 -9.43
C THR D 59 15.17 -20.58 -9.56
N LYS D 60 16.05 -20.74 -10.55
CA LYS D 60 16.71 -22.02 -10.80
C LYS D 60 17.98 -21.82 -11.61
N LEU D 61 18.96 -22.72 -11.43
CA LEU D 61 20.18 -22.67 -12.21
C LEU D 61 20.28 -23.82 -13.20
N GLU D 62 20.64 -23.48 -14.44
CA GLU D 62 20.82 -24.48 -15.48
C GLU D 62 22.10 -25.27 -15.23
N PRO D 63 22.04 -26.59 -15.40
CA PRO D 63 23.23 -27.45 -15.20
C PRO D 63 24.39 -27.06 -16.11
N GLY D 64 25.57 -26.91 -15.53
CA GLY D 64 26.76 -26.59 -16.30
C GLY D 64 26.76 -25.19 -16.87
N VAL D 65 25.99 -24.29 -16.28
CA VAL D 65 25.89 -22.92 -16.76
C VAL D 65 27.17 -22.14 -16.51
N PHE D 66 27.98 -22.62 -15.57
CA PHE D 66 29.21 -21.92 -15.17
C PHE D 66 30.48 -22.59 -15.68
N ASP D 67 30.31 -23.67 -16.44
CA ASP D 67 31.46 -24.47 -16.86
C ASP D 67 32.51 -23.69 -17.66
N SER D 68 32.06 -22.69 -18.41
CA SER D 68 32.95 -21.91 -19.25
C SER D 68 33.87 -20.98 -18.46
N LEU D 69 33.36 -20.44 -17.35
CA LEU D 69 34.07 -19.40 -16.62
C LEU D 69 35.10 -19.97 -15.66
N VAL D 70 36.13 -20.62 -16.21
CA VAL D 70 37.16 -21.27 -15.41
C VAL D 70 37.99 -20.26 -14.61
N ASN D 71 37.87 -18.98 -14.93
CA ASN D 71 38.62 -17.95 -14.24
C ASN D 71 37.82 -17.30 -13.12
N LEU D 72 36.61 -17.80 -12.88
CA LEU D 72 35.74 -17.25 -11.83
C LEU D 72 36.36 -17.43 -10.46
N GLN D 73 36.44 -16.35 -9.71
CA GLN D 73 36.96 -16.44 -8.36
C GLN D 73 35.91 -15.99 -7.35
N ILE D 74 34.93 -15.22 -7.81
CA ILE D 74 33.89 -14.69 -6.94
C ILE D 74 32.51 -14.80 -7.59
N LEU D 75 31.62 -15.54 -6.95
CA LEU D 75 30.26 -15.71 -7.47
C LEU D 75 29.23 -15.27 -6.41
N VAL D 76 28.45 -14.25 -6.75
CA VAL D 76 27.55 -13.62 -5.79
C VAL D 76 26.08 -13.87 -6.14
N LEU D 77 25.38 -14.58 -5.27
CA LEU D 77 23.99 -14.98 -5.56
C LEU D 77 22.97 -14.66 -4.46
N TYR D 78 23.30 -13.78 -3.53
CA TYR D 78 22.38 -13.51 -2.43
C TYR D 78 21.13 -12.75 -2.89
N GLN D 79 20.05 -12.88 -2.13
CA GLN D 79 18.77 -12.26 -2.44
C GLN D 79 18.22 -12.67 -3.81
N ASN D 80 18.09 -13.97 -4.00
CA ASN D 80 17.35 -14.51 -5.14
C ASN D 80 16.25 -15.45 -4.65
N GLN D 81 15.75 -16.30 -5.54
CA GLN D 81 14.66 -17.20 -5.20
C GLN D 81 15.02 -18.65 -5.48
N LEU D 82 16.31 -18.96 -5.33
CA LEU D 82 16.83 -20.31 -5.51
C LEU D 82 16.23 -21.26 -4.49
N THR D 83 15.66 -22.38 -4.94
CA THR D 83 15.09 -23.38 -4.06
C THR D 83 16.01 -24.59 -3.88
N THR D 84 16.83 -24.84 -4.89
CA THR D 84 17.88 -25.85 -4.81
C THR D 84 18.96 -25.58 -5.86
N LEU D 85 19.99 -26.41 -5.88
CA LEU D 85 21.04 -26.31 -6.88
C LEU D 85 21.10 -27.59 -7.71
N PRO D 86 21.60 -27.48 -8.95
CA PRO D 86 21.89 -28.65 -9.77
C PRO D 86 23.27 -29.25 -9.46
N ALA D 87 23.39 -30.57 -9.63
CA ALA D 87 24.64 -31.27 -9.33
C ALA D 87 25.80 -30.83 -10.22
N GLY D 88 27.00 -30.75 -9.63
CA GLY D 88 28.22 -30.47 -10.36
C GLY D 88 28.31 -29.12 -11.04
N VAL D 89 27.49 -28.18 -10.59
CA VAL D 89 27.42 -26.85 -11.21
C VAL D 89 28.67 -26.00 -10.96
N PHE D 90 29.36 -26.24 -9.84
CA PHE D 90 30.53 -25.43 -9.45
C PHE D 90 31.86 -26.14 -9.69
N ASP D 91 31.81 -27.36 -10.20
CA ASP D 91 33.00 -28.22 -10.24
C ASP D 91 34.06 -27.76 -11.25
N ARG D 92 33.66 -26.97 -12.25
CA ARG D 92 34.63 -26.40 -13.18
C ARG D 92 35.34 -25.19 -12.59
N LEU D 93 34.67 -24.52 -11.66
CA LEU D 93 35.22 -23.32 -11.03
C LEU D 93 36.18 -23.68 -9.91
N ILE D 94 37.35 -24.20 -10.28
CA ILE D 94 38.30 -24.70 -9.28
C ILE D 94 39.11 -23.57 -8.65
N ASN D 95 39.03 -22.39 -9.25
CA ASN D 95 39.74 -21.23 -8.73
C ASN D 95 38.83 -20.35 -7.88
N LEU D 96 37.60 -20.81 -7.68
CA LEU D 96 36.57 -20.07 -6.95
C LEU D 96 37.00 -19.80 -5.51
N LYS D 97 36.93 -18.55 -5.10
CA LYS D 97 37.33 -18.17 -3.74
C LYS D 97 36.13 -17.90 -2.82
N GLU D 98 35.14 -17.19 -3.33
CA GLU D 98 34.01 -16.76 -2.51
C GLU D 98 32.66 -17.01 -3.17
N LEU D 99 31.75 -17.57 -2.38
CA LEU D 99 30.43 -17.96 -2.86
C LEU D 99 29.32 -17.51 -1.90
N TYR D 100 28.44 -16.64 -2.38
CA TYR D 100 27.42 -15.99 -1.54
C TYR D 100 25.98 -16.44 -1.83
N PHE D 101 25.33 -17.07 -0.85
CA PHE D 101 24.01 -17.63 -1.04
C PHE D 101 22.95 -17.14 -0.05
N SER D 102 23.24 -16.09 0.69
CA SER D 102 22.33 -15.62 1.73
C SER D 102 21.01 -15.13 1.15
N ASN D 103 19.95 -15.22 1.94
CA ASN D 103 18.64 -14.76 1.53
C ASN D 103 18.15 -15.36 0.21
N ASN D 104 18.16 -16.69 0.14
CA ASN D 104 17.46 -17.41 -0.91
C ASN D 104 16.38 -18.29 -0.29
N GLN D 105 16.00 -19.35 -0.98
CA GLN D 105 15.00 -20.30 -0.50
C GLN D 105 15.52 -21.73 -0.61
N LEU D 106 16.84 -21.88 -0.47
CA LEU D 106 17.49 -23.17 -0.63
C LEU D 106 16.96 -24.18 0.38
N THR D 107 16.47 -25.31 -0.11
CA THR D 107 15.91 -26.36 0.75
C THR D 107 16.84 -27.57 0.90
N SER D 108 17.76 -27.74 -0.05
CA SER D 108 18.71 -28.85 -0.01
C SER D 108 19.89 -28.65 -0.98
N LEU D 109 21.04 -29.20 -0.62
CA LEU D 109 22.20 -29.14 -1.50
C LEU D 109 22.53 -30.52 -2.04
N PRO D 110 22.91 -30.60 -3.32
CA PRO D 110 23.29 -31.88 -3.95
C PRO D 110 24.60 -32.44 -3.40
N ALA D 111 24.75 -33.76 -3.44
CA ALA D 111 25.95 -34.42 -2.95
C ALA D 111 27.19 -33.97 -3.71
N GLY D 112 28.19 -33.52 -2.97
CA GLY D 112 29.47 -33.12 -3.56
C GLY D 112 29.43 -31.92 -4.48
N VAL D 113 28.71 -30.87 -4.07
CA VAL D 113 28.68 -29.63 -4.85
C VAL D 113 29.90 -28.76 -4.59
N PHE D 114 30.54 -28.94 -3.44
CA PHE D 114 31.66 -28.10 -3.04
C PHE D 114 32.98 -28.87 -3.07
N ASP D 115 32.95 -30.11 -3.53
CA ASP D 115 34.12 -30.99 -3.49
C ASP D 115 35.31 -30.47 -4.28
N LYS D 116 35.05 -29.77 -5.37
CA LYS D 116 36.13 -29.27 -6.24
C LYS D 116 36.63 -27.89 -5.83
N LEU D 117 35.90 -27.22 -4.95
CA LEU D 117 36.24 -25.87 -4.54
C LEU D 117 37.34 -25.86 -3.47
N THR D 118 38.53 -26.26 -3.90
CA THR D 118 39.70 -26.38 -3.02
C THR D 118 40.19 -25.02 -2.53
N GLN D 119 39.85 -23.97 -3.27
CA GLN D 119 40.35 -22.64 -2.98
C GLN D 119 39.34 -21.74 -2.24
N LEU D 120 38.15 -22.26 -2.02
CA LEU D 120 37.07 -21.48 -1.37
C LEU D 120 37.44 -21.06 0.06
N THR D 121 37.46 -19.75 0.30
CA THR D 121 37.72 -19.22 1.65
C THR D 121 36.44 -18.76 2.36
N ARG D 122 35.47 -18.27 1.58
CA ARG D 122 34.22 -17.80 2.14
C ARG D 122 33.00 -18.48 1.52
N LEU D 123 32.20 -19.12 2.36
CA LEU D 123 30.96 -19.73 1.94
C LEU D 123 29.83 -19.18 2.79
N GLU D 124 28.88 -18.52 2.14
CA GLU D 124 27.84 -17.80 2.85
C GLU D 124 26.46 -18.42 2.57
N LEU D 125 25.91 -19.12 3.56
CA LEU D 125 24.69 -19.89 3.37
C LEU D 125 23.57 -19.50 4.32
N GLN D 126 23.76 -18.42 5.06
CA GLN D 126 22.78 -18.02 6.08
C GLN D 126 21.44 -17.63 5.47
N THR D 127 20.39 -17.72 6.27
CA THR D 127 19.04 -17.30 5.88
C THR D 127 18.52 -18.00 4.60
N ASN D 128 18.29 -19.29 4.72
CA ASN D 128 17.68 -20.08 3.67
C ASN D 128 16.61 -20.96 4.27
N GLN D 129 16.36 -22.11 3.65
CA GLN D 129 15.38 -23.06 4.15
C GLN D 129 16.01 -24.44 4.26
N LEU D 130 17.31 -24.47 4.51
CA LEU D 130 18.06 -25.72 4.59
C LEU D 130 17.76 -26.51 5.86
N LYS D 131 17.42 -27.78 5.72
CA LYS D 131 17.17 -28.63 6.87
C LYS D 131 18.44 -29.36 7.30
N SER D 132 19.31 -29.68 6.34
CA SER D 132 20.51 -30.46 6.64
C SER D 132 21.61 -30.24 5.61
N ILE D 133 22.78 -30.79 5.89
CA ILE D 133 23.92 -30.76 4.96
C ILE D 133 24.34 -32.17 4.62
N PRO D 134 24.39 -32.50 3.31
CA PRO D 134 24.78 -33.84 2.87
C PRO D 134 26.15 -34.25 3.39
N ARG D 135 26.30 -35.51 3.79
CA ARG D 135 27.53 -35.99 4.43
C ARG D 135 28.77 -35.74 3.57
N GLY D 136 29.77 -35.11 4.18
CA GLY D 136 31.04 -34.84 3.53
C GLY D 136 31.04 -33.67 2.56
N ALA D 137 30.02 -32.82 2.63
CA ALA D 137 29.90 -31.70 1.69
C ALA D 137 30.99 -30.64 1.89
N PHE D 138 31.51 -30.52 3.11
CA PHE D 138 32.52 -29.50 3.44
C PHE D 138 33.91 -30.10 3.62
N ASP D 139 34.03 -31.40 3.42
CA ASP D 139 35.27 -32.12 3.71
C ASP D 139 36.44 -31.69 2.85
N ASN D 140 36.17 -31.28 1.61
CA ASN D 140 37.24 -30.89 0.70
C ASN D 140 37.62 -29.41 0.76
N LEU D 141 36.86 -28.62 1.52
CA LEU D 141 37.09 -27.18 1.59
C LEU D 141 38.26 -26.82 2.50
N LYS D 142 39.48 -27.06 2.03
CA LYS D 142 40.69 -26.89 2.83
C LYS D 142 41.06 -25.44 3.09
N SER D 143 40.51 -24.53 2.30
CA SER D 143 40.86 -23.12 2.40
C SER D 143 39.81 -22.31 3.14
N LEU D 144 38.78 -22.98 3.64
CA LEU D 144 37.62 -22.30 4.23
C LEU D 144 37.96 -21.51 5.50
N THR D 145 37.76 -20.20 5.43
CA THR D 145 38.06 -19.30 6.53
C THR D 145 36.78 -18.80 7.20
N ASN D 146 35.75 -18.60 6.38
CA ASN D 146 34.49 -18.06 6.86
C ASN D 146 33.30 -18.85 6.33
N ILE D 147 32.50 -19.41 7.24
CA ILE D 147 31.26 -20.04 6.83
C ILE D 147 30.10 -19.54 7.72
N TYR D 148 28.99 -19.20 7.08
CA TYR D 148 27.83 -18.65 7.77
C TYR D 148 26.64 -19.56 7.55
N LEU D 149 26.06 -20.05 8.66
CA LEU D 149 25.03 -21.09 8.60
C LEU D 149 23.78 -20.78 9.43
N PHE D 150 23.75 -19.60 10.03
CA PHE D 150 22.65 -19.24 10.92
C PHE D 150 21.39 -18.97 10.12
N ASN D 151 20.26 -18.87 10.82
CA ASN D 151 18.95 -18.61 10.21
C ASN D 151 18.52 -19.68 9.19
N ASN D 152 18.70 -20.94 9.55
CA ASN D 152 18.25 -22.06 8.73
C ASN D 152 17.45 -23.05 9.58
N PRO D 153 16.37 -23.63 9.00
CA PRO D 153 15.49 -24.56 9.71
C PRO D 153 16.08 -25.97 9.79
N TRP D 154 17.17 -26.09 10.53
CA TRP D 154 17.87 -27.38 10.68
C TRP D 154 17.03 -28.42 11.38
N ASP D 155 16.86 -29.58 10.74
CA ASP D 155 16.08 -30.67 11.32
C ASP D 155 16.93 -31.53 12.26
N CYS D 156 16.78 -31.31 13.57
CA CYS D 156 17.55 -32.04 14.57
C CYS D 156 16.91 -33.38 14.92
N GLU D 157 15.68 -33.58 14.51
CA GLU D 157 15.03 -34.86 14.74
C GLU D 157 15.53 -35.86 13.70
N CYS D 158 15.93 -35.35 12.54
CA CYS D 158 16.50 -36.18 11.48
C CYS D 158 17.98 -36.49 11.75
N SER D 159 18.39 -37.69 11.36
CA SER D 159 19.73 -38.19 11.68
C SER D 159 20.80 -37.67 10.72
N ASP D 160 20.38 -37.02 9.64
CA ASP D 160 21.32 -36.48 8.65
C ASP D 160 22.00 -35.24 9.18
N ILE D 161 21.50 -34.68 10.27
CA ILE D 161 22.05 -33.44 10.82
C ILE D 161 23.34 -33.70 11.60
N LEU D 162 23.61 -34.98 11.87
CA LEU D 162 24.79 -35.36 12.62
C LEU D 162 26.08 -34.91 11.92
N TYR D 163 26.05 -34.84 10.59
CA TYR D 163 27.23 -34.39 9.86
C TYR D 163 27.52 -32.92 10.17
N LEU D 164 26.49 -32.08 10.09
CA LEU D 164 26.66 -30.67 10.38
C LEU D 164 27.13 -30.45 11.81
N LYS D 165 26.51 -31.16 12.75
CA LYS D 165 26.89 -31.08 14.16
C LYS D 165 28.37 -31.39 14.35
N ASN D 166 28.79 -32.54 13.86
CA ASN D 166 30.17 -32.98 13.97
C ASN D 166 31.16 -32.05 13.27
N TRP D 167 30.72 -31.43 12.18
CA TRP D 167 31.60 -30.58 11.39
C TRP D 167 31.79 -29.21 12.06
N ILE D 168 30.69 -28.62 12.53
CA ILE D 168 30.74 -27.30 13.14
C ILE D 168 31.41 -27.32 14.52
N VAL D 169 31.37 -28.46 15.19
CA VAL D 169 32.02 -28.60 16.49
C VAL D 169 33.51 -28.82 16.25
N GLN D 170 33.85 -29.23 15.03
CA GLN D 170 35.22 -29.52 14.63
C GLN D 170 35.89 -28.29 14.01
N HIS D 171 35.08 -27.43 13.38
CA HIS D 171 35.56 -26.21 12.75
C HIS D 171 34.89 -24.96 13.32
N ALA D 172 34.72 -24.91 14.64
CA ALA D 172 33.95 -23.84 15.28
C ALA D 172 34.55 -22.44 15.10
N SER D 173 35.85 -22.38 14.87
CA SER D 173 36.54 -21.09 14.73
C SER D 173 36.16 -20.34 13.44
N ILE D 174 35.79 -21.09 12.40
CA ILE D 174 35.39 -20.46 11.13
C ILE D 174 33.88 -20.36 10.97
N VAL D 175 33.12 -20.87 11.95
CA VAL D 175 31.66 -20.87 11.86
C VAL D 175 31.01 -19.64 12.51
N ASN D 176 30.25 -18.91 11.70
CA ASN D 176 29.57 -17.68 12.10
C ASN D 176 30.46 -16.71 12.89
N PRO D 177 31.58 -16.29 12.31
CA PRO D 177 32.50 -15.40 13.03
C PRO D 177 32.05 -13.94 12.95
N ASP D 178 32.88 -13.01 13.43
CA ASP D 178 32.63 -11.58 13.35
C ASP D 178 31.32 -11.16 14.01
N GLY D 179 31.05 -11.70 15.20
CA GLY D 179 29.88 -11.35 15.95
C GLY D 179 28.60 -11.84 15.28
N HIS D 180 28.69 -12.96 14.58
CA HIS D 180 27.50 -13.55 13.99
C HIS D 180 27.02 -14.75 14.80
N GLY D 181 27.42 -14.79 16.07
CA GLY D 181 26.92 -15.79 17.00
C GLY D 181 27.85 -16.95 17.29
N GLY D 182 28.76 -17.22 16.36
CA GLY D 182 29.68 -18.33 16.52
C GLY D 182 29.06 -19.68 16.22
N VAL D 183 29.67 -20.73 16.76
CA VAL D 183 29.20 -22.09 16.54
C VAL D 183 27.82 -22.33 17.19
N ASP D 184 27.46 -21.50 18.16
CA ASP D 184 26.18 -21.60 18.86
C ASP D 184 25.00 -21.02 18.07
N ASN D 185 25.30 -20.27 17.02
CA ASN D 185 24.26 -19.62 16.23
C ASN D 185 23.67 -20.54 15.14
N VAL D 186 24.18 -21.76 15.06
CA VAL D 186 23.54 -22.79 14.23
C VAL D 186 22.48 -23.51 15.08
N LYS D 187 21.23 -23.07 14.96
CA LYS D 187 20.18 -23.50 15.89
C LYS D 187 19.13 -24.41 15.25
N CYS D 188 18.49 -25.22 16.08
CA CYS D 188 17.49 -26.19 15.62
C CYS D 188 16.15 -25.55 15.31
N SER D 189 15.42 -26.14 14.37
CA SER D 189 14.12 -25.63 13.97
C SER D 189 13.07 -25.90 15.04
N GLY D 190 12.44 -24.82 15.51
CA GLY D 190 11.40 -24.93 16.51
C GLY D 190 11.91 -24.82 17.93
N THR D 191 12.90 -25.65 18.25
CA THR D 191 13.39 -25.76 19.62
C THR D 191 14.43 -24.71 20.02
N ASN D 192 15.09 -24.09 19.05
CA ASN D 192 16.13 -23.09 19.31
C ASN D 192 17.32 -23.67 20.07
N THR D 193 17.46 -24.98 20.00
CA THR D 193 18.60 -25.68 20.61
C THR D 193 19.78 -25.61 19.65
N PRO D 194 21.00 -25.46 20.20
CA PRO D 194 22.19 -25.55 19.34
C PRO D 194 22.30 -26.91 18.64
N VAL D 195 22.65 -26.90 17.35
CA VAL D 195 22.79 -28.14 16.58
C VAL D 195 23.97 -28.94 17.08
N ARG D 196 25.04 -28.25 17.49
CA ARG D 196 26.21 -28.93 18.02
C ARG D 196 25.88 -29.68 19.31
N ALA D 197 24.78 -29.30 19.93
CA ALA D 197 24.38 -29.85 21.23
C ALA D 197 23.38 -31.01 21.09
N VAL D 198 23.04 -31.37 19.85
CA VAL D 198 22.11 -32.47 19.65
C VAL D 198 22.80 -33.80 19.91
N THR D 199 22.04 -34.75 20.42
CA THR D 199 22.57 -36.07 20.72
C THR D 199 22.20 -37.04 19.60
N GLU D 200 23.01 -38.09 19.46
CA GLU D 200 22.75 -39.12 18.47
C GLU D 200 21.46 -39.89 18.81
N ALA D 201 21.18 -40.01 20.11
CA ALA D 201 19.98 -40.69 20.58
C ALA D 201 18.70 -39.94 20.21
N SER D 202 18.79 -38.61 20.17
CA SER D 202 17.64 -37.77 19.86
C SER D 202 17.26 -37.80 18.38
N THR D 203 18.19 -38.23 17.53
CA THR D 203 17.94 -38.25 16.09
C THR D 203 17.52 -39.64 15.62
N SER D 204 16.94 -39.71 14.42
CA SER D 204 16.50 -40.97 13.86
C SER D 204 16.48 -40.87 12.33
N PRO D 205 16.93 -41.93 11.64
CA PRO D 205 16.88 -42.00 10.18
C PRO D 205 15.44 -42.04 9.66
N SER D 206 14.52 -42.53 10.49
CA SER D 206 13.10 -42.62 10.15
C SER D 206 12.38 -41.28 10.26
N LYS D 207 12.92 -40.37 11.06
CA LYS D 207 12.36 -39.02 11.21
C LYS D 207 12.88 -38.08 10.13
N CYS D 208 13.52 -38.65 9.11
CA CYS D 208 14.01 -37.88 7.97
C CYS D 208 12.99 -37.77 6.85
N PRO D 209 12.62 -36.53 6.49
CA PRO D 209 11.67 -36.29 5.39
C PRO D 209 12.21 -36.76 4.03
#